data_8VLU
#
_entry.id   8VLU
#
_cell.length_a   1.00
_cell.length_b   1.00
_cell.length_c   1.00
_cell.angle_alpha   90.00
_cell.angle_beta   90.00
_cell.angle_gamma   90.00
#
_symmetry.space_group_name_H-M   'P 1'
#
loop_
_entity.id
_entity.type
_entity.pdbx_description
1 polymer 'Heparan-alpha-glucosaminide N-acetyltransferase'
2 non-polymer 2-acetamido-2-deoxy-beta-D-glucopyranose
3 non-polymer 'COENZYME A'
#
_entity_poly.entity_id   1
_entity_poly.type   'polypeptide(L)'
_entity_poly.pdbx_seq_one_letter_code
;MTGARASAAEQRRAGRSGQARAAERAAGMSGAGRALAALLLAASVLSAALLAPGGSSGRDAQAAPPRDLDKKRHAELKMD
QALLLIHNELLWTNLTVYWKSECCYHCLFQVLVNVPQSPKAGKPSAAAASVSTQHGSILQLNDTLEEKEVCRLEYRFGEF
GNYSLLVKNIHNGVSEIACDLAVNEDPVDSNLPVSIAFLIGLAVIIVISFLRLLLSLDDFNNWISKAISSRETDRLINSE
LGSPSRTDPLDGDVQPATWRLSALPPRLRSVDTFRGIALILMVFVNYGGGKYWYFKHASWNGLTVADLVFPWFVFIMGSS
IFLSMTSILQRGCSKFRLLGKIAWRSFLLICIGIIIVNPNYCLGPLSWDKVRIPGVLQRLGVTYFVVAVLELLFAKPVPE
HCASERSCLSLRDITSSWPQWLLILVLEGLWLGLTFLLPVPGCPTGYLGPGGIGDFGKYPNCTGGAAGYIDRLLLGDDHL
YQHPSSAVLYHTEVAYDPEGILGTINSIVMAFLGVQAGKILLYYKARTKDILIRFTAWCCILGLISVALTKVSENEGFIP
VNKNLWSLSYVTTLSSFAFFILLVLYPVVDVKGLWTGTPFFYPGMNSILVYVGHEVFENYFPFQWKLKDNQSHKEHLTQN
IVATALWVLIAYILYRKKIFWKI
;
_entity_poly.pdbx_strand_id   B,A
#
# COMPACT_ATOMS: atom_id res chain seq x y z
N LEU A 77 12.02 28.44 -8.64
CA LEU A 77 11.66 27.79 -9.90
C LEU A 77 11.47 26.29 -9.70
N LYS A 78 10.28 25.81 -10.05
CA LYS A 78 10.00 24.38 -9.97
C LYS A 78 10.74 23.65 -11.08
N MET A 79 10.61 22.32 -11.07
CA MET A 79 11.20 21.51 -12.12
C MET A 79 10.46 21.75 -13.42
N ASP A 80 11.20 21.84 -14.53
CA ASP A 80 10.67 22.22 -15.84
C ASP A 80 10.00 23.58 -15.77
N GLN A 81 10.72 24.55 -15.22
CA GLN A 81 10.28 25.93 -15.16
C GLN A 81 11.46 26.85 -15.48
N ALA A 82 11.14 28.02 -16.02
CA ALA A 82 12.15 29.01 -16.38
C ALA A 82 11.69 30.38 -15.91
N LEU A 83 12.58 31.09 -15.22
CA LEU A 83 12.27 32.46 -14.81
C LEU A 83 12.25 33.37 -16.03
N LEU A 84 11.40 34.40 -15.98
CA LEU A 84 11.30 35.38 -17.04
C LEU A 84 11.05 36.75 -16.42
N LEU A 85 12.05 37.62 -16.48
CA LEU A 85 11.94 38.97 -15.95
C LEU A 85 11.52 39.91 -17.08
N ILE A 86 10.31 40.44 -16.99
CA ILE A 86 9.75 41.31 -18.02
C ILE A 86 9.94 42.75 -17.56
N HIS A 87 10.85 43.47 -18.22
CA HIS A 87 11.12 44.86 -17.90
C HIS A 87 10.32 45.75 -18.85
N ASN A 88 9.47 46.61 -18.29
CA ASN A 88 8.61 47.48 -19.08
C ASN A 88 9.14 48.91 -18.99
N GLU A 89 9.92 49.30 -19.99
CA GLU A 89 10.42 50.66 -20.08
C GLU A 89 9.39 51.63 -20.65
N LEU A 90 8.28 51.12 -21.19
CA LEU A 90 7.27 51.98 -21.79
C LEU A 90 6.59 52.82 -20.73
N LEU A 91 6.23 54.05 -21.10
CA LEU A 91 5.76 55.06 -20.15
C LEU A 91 4.24 55.22 -20.14
N TRP A 92 3.58 55.11 -21.29
CA TRP A 92 2.15 55.37 -21.39
C TRP A 92 1.35 54.19 -21.91
N THR A 93 1.91 52.98 -21.89
CA THR A 93 1.20 51.79 -22.34
C THR A 93 1.40 50.68 -21.31
N ASN A 94 0.31 50.24 -20.70
CA ASN A 94 0.32 49.03 -19.89
C ASN A 94 0.50 47.80 -20.77
N LEU A 95 0.97 46.71 -20.17
CA LEU A 95 1.19 45.46 -20.90
C LEU A 95 0.78 44.27 -20.05
N THR A 96 0.15 43.30 -20.70
CA THR A 96 -0.12 41.99 -20.11
C THR A 96 0.54 40.92 -20.96
N VAL A 97 1.15 39.94 -20.30
CA VAL A 97 1.91 38.89 -20.99
C VAL A 97 1.04 37.64 -21.06
N TYR A 98 0.81 37.18 -22.29
CA TYR A 98 0.00 35.99 -22.56
C TYR A 98 0.93 34.88 -23.02
N TRP A 99 0.92 33.76 -22.32
CA TRP A 99 1.83 32.65 -22.59
C TRP A 99 1.05 31.44 -23.11
N LYS A 100 1.51 30.88 -24.22
N LYS A 100 1.49 30.89 -24.23
CA LYS A 100 0.94 29.67 -24.81
CA LYS A 100 0.93 29.65 -24.74
C LYS A 100 2.06 28.73 -25.22
C LYS A 100 2.04 28.73 -25.21
N SER A 101 1.88 27.44 -24.93
CA SER A 101 2.87 26.44 -25.28
C SER A 101 2.81 26.13 -26.78
N GLU A 102 3.80 25.38 -27.25
CA GLU A 102 3.83 24.96 -28.64
C GLU A 102 3.15 23.62 -28.89
N CYS A 103 2.97 22.81 -27.85
CA CYS A 103 2.26 21.55 -28.01
C CYS A 103 0.77 21.77 -28.27
N CYS A 104 0.20 22.85 -27.74
CA CYS A 104 -1.19 23.15 -27.97
C CYS A 104 -1.50 23.30 -29.45
N TYR A 105 -2.58 22.66 -29.89
CA TYR A 105 -3.02 22.80 -31.27
C TYR A 105 -3.75 24.13 -31.47
N HIS A 106 -4.87 24.31 -30.76
CA HIS A 106 -5.62 25.56 -30.78
C HIS A 106 -5.96 25.90 -29.33
N CYS A 107 -5.07 26.62 -28.67
CA CYS A 107 -5.23 26.97 -27.27
C CYS A 107 -5.40 28.47 -27.11
N LEU A 108 -6.25 28.86 -26.16
CA LEU A 108 -6.38 30.26 -25.80
C LEU A 108 -5.14 30.73 -25.06
N PHE A 109 -4.72 31.95 -25.33
CA PHE A 109 -3.54 32.52 -24.67
C PHE A 109 -3.83 32.71 -23.19
N GLN A 110 -3.27 31.83 -22.36
CA GLN A 110 -3.42 31.96 -20.92
C GLN A 110 -2.56 33.10 -20.40
N VAL A 111 -3.10 33.86 -19.44
CA VAL A 111 -2.37 34.99 -18.89
C VAL A 111 -1.16 34.49 -18.10
N LEU A 112 -0.11 35.31 -18.08
CA LEU A 112 1.10 35.00 -17.34
C LEU A 112 1.34 36.00 -16.21
N VAL A 113 1.43 37.28 -16.54
CA VAL A 113 1.62 38.33 -15.54
C VAL A 113 1.32 39.68 -16.19
N ASN A 114 0.69 40.58 -15.44
CA ASN A 114 0.48 41.95 -15.89
C ASN A 114 1.58 42.82 -15.31
N VAL A 115 2.36 43.45 -16.18
CA VAL A 115 3.50 44.27 -15.78
C VAL A 115 3.03 45.72 -15.68
N PRO A 116 3.11 46.35 -14.51
CA PRO A 116 2.75 47.77 -14.41
C PRO A 116 3.63 48.64 -15.27
N GLN A 117 3.26 49.92 -15.36
CA GLN A 117 4.00 50.84 -16.19
C GLN A 117 5.26 51.35 -15.48
N SER A 118 6.16 51.94 -16.26
CA SER A 118 7.34 52.55 -15.69
C SER A 118 6.99 53.91 -15.09
N PRO A 119 7.18 54.10 -13.78
CA PRO A 119 6.82 55.40 -13.19
C PRO A 119 7.57 56.58 -13.77
N LYS A 120 8.83 56.40 -14.15
CA LYS A 120 9.64 57.46 -14.71
C LYS A 120 10.51 56.91 -15.83
N ALA A 121 10.97 57.81 -16.69
CA ALA A 121 11.84 57.42 -17.79
C ALA A 121 13.16 56.87 -17.27
N GLY A 122 13.61 55.77 -17.86
CA GLY A 122 14.83 55.12 -17.45
C GLY A 122 14.71 54.21 -16.25
N LYS A 123 13.50 54.04 -15.71
CA LYS A 123 13.26 53.17 -14.55
C LYS A 123 12.14 52.21 -14.91
N PRO A 124 12.44 51.15 -15.64
CA PRO A 124 11.39 50.20 -16.03
C PRO A 124 10.83 49.44 -14.84
N SER A 125 9.56 49.05 -14.97
CA SER A 125 8.90 48.24 -13.96
C SER A 125 9.03 46.77 -14.33
N ALA A 126 9.56 45.97 -13.40
CA ALA A 126 9.89 44.58 -13.65
C ALA A 126 8.97 43.65 -12.89
N ALA A 127 8.60 42.54 -13.53
CA ALA A 127 7.86 41.47 -12.89
C ALA A 127 8.49 40.14 -13.25
N ALA A 128 8.42 39.20 -12.31
CA ALA A 128 9.02 37.88 -12.48
C ALA A 128 7.93 36.86 -12.75
N ALA A 129 8.10 36.10 -13.83
CA ALA A 129 7.15 35.05 -14.21
C ALA A 129 7.91 33.77 -14.53
N SER A 130 7.33 32.64 -14.14
CA SER A 130 7.92 31.34 -14.39
C SER A 130 7.23 30.71 -15.60
N VAL A 131 7.93 30.66 -16.73
CA VAL A 131 7.39 30.10 -17.95
C VAL A 131 7.76 28.63 -18.02
N SER A 132 6.79 27.79 -18.43
CA SER A 132 7.06 26.38 -18.61
C SER A 132 8.09 26.17 -19.70
N THR A 133 9.09 25.34 -19.43
CA THR A 133 10.18 25.09 -20.36
C THR A 133 10.19 23.67 -20.89
N GLN A 134 9.07 22.95 -20.77
CA GLN A 134 9.00 21.58 -21.27
C GLN A 134 9.23 21.54 -22.78
N HIS A 135 8.46 22.34 -23.51
CA HIS A 135 8.61 22.41 -24.97
C HIS A 135 7.87 23.64 -25.48
N GLY A 136 8.60 24.57 -26.10
CA GLY A 136 7.99 25.72 -26.73
C GLY A 136 7.39 26.73 -25.78
N SER A 137 7.34 27.99 -26.21
CA SER A 137 6.67 29.04 -25.44
C SER A 137 6.39 30.21 -26.36
N ILE A 138 5.10 30.52 -26.56
CA ILE A 138 4.68 31.66 -27.36
C ILE A 138 4.14 32.72 -26.41
N LEU A 139 4.80 33.88 -26.39
CA LEU A 139 4.41 34.98 -25.52
C LEU A 139 3.77 36.08 -26.37
N GLN A 140 2.61 36.54 -25.94
CA GLN A 140 1.87 37.61 -26.62
C GLN A 140 1.68 38.73 -25.60
N LEU A 141 2.39 39.84 -25.80
CA LEU A 141 2.34 40.97 -24.88
C LEU A 141 1.30 41.96 -25.40
N ASN A 142 0.07 41.86 -24.91
CA ASN A 142 -0.97 42.80 -25.27
C ASN A 142 -0.99 43.97 -24.31
N ASP A 143 -1.46 45.11 -24.81
CA ASP A 143 -1.67 46.30 -23.99
C ASP A 143 -3.07 46.21 -23.37
N THR A 144 -3.12 45.97 -22.05
CA THR A 144 -4.41 45.79 -21.40
C THR A 144 -5.27 47.05 -21.45
N LEU A 145 -4.68 48.21 -21.75
CA LEU A 145 -5.47 49.43 -21.87
C LEU A 145 -6.30 49.44 -23.15
N GLU A 146 -5.74 48.93 -24.26
CA GLU A 146 -6.42 48.98 -25.54
C GLU A 146 -6.49 47.64 -26.27
N GLU A 147 -5.92 46.57 -25.70
CA GLU A 147 -5.96 45.22 -26.29
C GLU A 147 -5.36 45.22 -27.70
N LYS A 148 -4.08 45.55 -27.77
CA LYS A 148 -3.34 45.56 -29.02
C LYS A 148 -1.97 44.92 -28.82
N GLU A 149 -1.50 44.25 -29.87
CA GLU A 149 -0.20 43.60 -29.81
C GLU A 149 0.92 44.61 -30.03
N VAL A 150 2.02 44.45 -29.29
CA VAL A 150 3.21 45.25 -29.47
C VAL A 150 4.40 44.40 -29.90
N CYS A 151 4.55 43.20 -29.33
CA CYS A 151 5.61 42.30 -29.73
C CYS A 151 5.21 40.87 -29.38
N ARG A 152 5.62 39.94 -30.23
CA ARG A 152 5.34 38.52 -30.06
C ARG A 152 6.65 37.75 -30.03
N LEU A 153 6.75 36.79 -29.11
CA LEU A 153 7.99 36.04 -28.90
C LEU A 153 7.69 34.55 -28.92
N GLU A 154 8.12 33.88 -30.00
CA GLU A 154 8.03 32.43 -30.11
C GLU A 154 9.40 31.85 -29.75
N TYR A 155 9.68 31.83 -28.45
CA TYR A 155 11.00 31.46 -27.93
C TYR A 155 10.89 30.19 -27.11
N ARG A 156 11.85 29.29 -27.29
CA ARG A 156 11.91 28.03 -26.54
C ARG A 156 12.79 28.26 -25.32
N PHE A 157 12.15 28.41 -24.17
CA PHE A 157 12.88 28.69 -22.94
C PHE A 157 13.58 27.45 -22.41
N GLY A 158 14.76 27.65 -21.83
CA GLY A 158 15.53 26.58 -21.23
C GLY A 158 15.26 26.45 -19.74
N GLU A 159 15.50 25.25 -19.23
CA GLU A 159 15.20 24.96 -17.82
C GLU A 159 16.12 25.74 -16.90
N PHE A 160 15.55 26.27 -15.82
CA PHE A 160 16.30 26.98 -14.78
C PHE A 160 17.07 28.16 -15.36
N GLY A 161 16.45 28.87 -16.32
CA GLY A 161 17.06 30.05 -16.89
C GLY A 161 16.63 31.31 -16.16
N ASN A 162 17.22 32.43 -16.57
CA ASN A 162 16.89 33.74 -16.03
C ASN A 162 16.03 34.56 -16.99
N TYR A 163 16.49 34.74 -18.23
CA TYR A 163 15.67 35.18 -19.35
C TYR A 163 14.98 36.52 -19.07
N SER A 164 15.80 37.55 -18.93
CA SER A 164 15.28 38.90 -18.77
C SER A 164 14.72 39.39 -20.09
N LEU A 165 13.43 39.75 -20.09
CA LEU A 165 12.77 40.30 -21.26
C LEU A 165 12.61 41.81 -21.06
N LEU A 166 13.10 42.58 -22.02
CA LEU A 166 13.08 44.04 -21.94
C LEU A 166 12.22 44.59 -23.06
N VAL A 167 11.23 45.40 -22.71
CA VAL A 167 10.34 46.05 -23.67
C VAL A 167 10.68 47.53 -23.69
N LYS A 168 11.20 48.02 -24.80
CA LYS A 168 11.62 49.41 -24.94
C LYS A 168 11.05 49.98 -26.24
N ASN A 169 10.67 51.25 -26.18
CA ASN A 169 10.14 51.93 -27.35
C ASN A 169 11.28 52.32 -28.29
N ILE A 170 11.13 51.99 -29.58
CA ILE A 170 12.15 52.30 -30.56
C ILE A 170 11.89 53.67 -31.17
N GLU A 176 8.55 52.17 -33.97
CA GLU A 176 8.51 50.77 -33.62
C GLU A 176 8.39 50.58 -32.11
N ILE A 177 7.74 49.49 -31.71
CA ILE A 177 7.49 49.20 -30.30
C ILE A 177 7.98 47.78 -30.00
N ALA A 178 8.86 47.27 -30.87
CA ALA A 178 9.32 45.90 -30.73
C ALA A 178 10.12 45.70 -29.44
N CYS A 179 9.97 44.51 -28.85
CA CYS A 179 10.67 44.13 -27.64
C CYS A 179 11.64 42.99 -27.92
N ASP A 180 12.75 42.98 -27.19
CA ASP A 180 13.80 41.99 -27.40
C ASP A 180 14.02 41.19 -26.11
N LEU A 181 14.36 39.92 -26.28
CA LEU A 181 14.56 39.00 -25.17
C LEU A 181 16.03 38.60 -25.10
N ALA A 182 16.54 38.49 -23.86
CA ALA A 182 17.92 38.12 -23.62
C ALA A 182 17.98 37.11 -22.49
N VAL A 183 19.07 36.35 -22.44
CA VAL A 183 19.29 35.33 -21.43
C VAL A 183 20.41 35.79 -20.51
N ASN A 184 20.17 35.73 -19.20
CA ASN A 184 21.16 36.10 -18.21
C ASN A 184 21.92 34.90 -17.66
N GLU A 185 21.20 33.90 -17.17
CA GLU A 185 21.81 32.67 -16.67
C GLU A 185 21.60 31.55 -17.68
N ASP A 186 22.67 30.88 -18.05
CA ASP A 186 22.59 29.81 -19.05
C ASP A 186 21.75 28.66 -18.51
N PRO A 187 20.78 28.16 -19.27
CA PRO A 187 19.93 27.07 -18.77
C PRO A 187 20.69 25.77 -18.66
N VAL A 188 20.22 24.90 -17.78
CA VAL A 188 20.73 23.55 -17.68
C VAL A 188 20.12 22.71 -18.80
N ASP A 189 20.93 21.83 -19.39
CA ASP A 189 20.45 21.01 -20.50
C ASP A 189 19.33 20.09 -20.06
N SER A 190 19.55 19.33 -19.00
CA SER A 190 18.55 18.47 -18.36
C SER A 190 18.13 17.31 -19.27
N ASN A 191 18.63 17.29 -20.51
CA ASN A 191 18.35 16.21 -21.44
C ASN A 191 19.62 15.52 -21.93
N LEU A 192 20.61 16.29 -22.38
CA LEU A 192 21.85 15.73 -22.90
C LEU A 192 22.74 15.28 -21.75
N PRO A 193 23.12 16.18 -20.85
CA PRO A 193 24.01 15.78 -19.73
C PRO A 193 23.37 14.79 -18.79
N VAL A 194 22.04 14.64 -18.80
CA VAL A 194 21.34 13.78 -17.86
C VAL A 194 21.02 12.44 -18.50
N SER A 195 20.82 12.44 -19.82
CA SER A 195 20.40 11.24 -20.53
C SER A 195 21.22 11.03 -21.80
N ILE A 196 22.52 11.27 -21.73
CA ILE A 196 23.41 10.98 -22.85
C ILE A 196 24.49 10.01 -22.42
N ALA A 197 25.33 10.43 -21.46
CA ALA A 197 26.33 9.57 -20.87
C ALA A 197 26.05 9.23 -19.41
N PHE A 198 25.17 10.00 -18.75
CA PHE A 198 24.77 9.65 -17.40
C PHE A 198 24.02 8.32 -17.37
N LEU A 199 23.32 7.98 -18.45
CA LEU A 199 22.67 6.68 -18.53
C LEU A 199 23.70 5.55 -18.49
N ILE A 200 24.77 5.68 -19.28
CA ILE A 200 25.82 4.68 -19.29
C ILE A 200 26.51 4.61 -17.93
N GLY A 201 26.79 5.77 -17.35
CA GLY A 201 27.41 5.79 -16.03
C GLY A 201 26.55 5.13 -14.96
N LEU A 202 25.26 5.43 -14.96
CA LEU A 202 24.35 4.81 -14.00
C LEU A 202 24.24 3.31 -14.22
N ALA A 203 24.20 2.88 -15.49
CA ALA A 203 24.16 1.44 -15.77
C ALA A 203 25.42 0.76 -15.26
N VAL A 204 26.58 1.37 -15.46
CA VAL A 204 27.83 0.79 -14.97
C VAL A 204 27.82 0.72 -13.44
N ILE A 205 27.36 1.79 -12.79
CA ILE A 205 27.31 1.81 -11.33
C ILE A 205 26.36 0.74 -10.81
N ILE A 206 25.20 0.58 -11.45
CA ILE A 206 24.23 -0.42 -11.02
C ILE A 206 24.80 -1.82 -11.20
N VAL A 207 25.46 -2.07 -12.33
CA VAL A 207 26.06 -3.38 -12.56
C VAL A 207 27.14 -3.67 -11.53
N ILE A 208 27.98 -2.67 -11.23
CA ILE A 208 29.05 -2.86 -10.24
C ILE A 208 28.45 -3.15 -8.88
N SER A 209 27.41 -2.41 -8.49
CA SER A 209 26.79 -2.63 -7.19
C SER A 209 26.14 -4.00 -7.11
N PHE A 210 25.45 -4.43 -8.17
CA PHE A 210 24.81 -5.74 -8.17
C PHE A 210 25.84 -6.85 -8.08
N LEU A 211 26.94 -6.73 -8.85
CA LEU A 211 27.98 -7.75 -8.78
C LEU A 211 28.64 -7.79 -7.41
N ARG A 212 28.89 -6.61 -6.81
CA ARG A 212 29.49 -6.58 -5.48
C ARG A 212 28.57 -7.20 -4.45
N LEU A 213 27.27 -6.92 -4.53
CA LEU A 213 26.32 -7.51 -3.59
C LEU A 213 26.24 -9.02 -3.77
N LEU A 214 26.25 -9.50 -5.02
CA LEU A 214 26.21 -10.94 -5.26
C LEU A 214 27.48 -11.63 -4.78
N LEU A 215 28.64 -11.01 -4.97
CA LEU A 215 29.90 -11.64 -4.59
C LEU A 215 30.13 -11.60 -3.08
N SER A 216 29.74 -10.50 -2.43
CA SER A 216 29.99 -10.37 -0.99
C SER A 216 29.23 -11.43 -0.20
N LEU A 217 27.97 -11.65 -0.54
CA LEU A 217 27.21 -12.71 0.12
C LEU A 217 27.77 -14.08 -0.20
N ASP A 218 28.14 -14.30 -1.47
CA ASP A 218 28.72 -15.59 -1.85
C ASP A 218 30.07 -15.82 -1.17
N ASP A 219 30.92 -14.78 -1.13
CA ASP A 219 32.22 -14.92 -0.48
C ASP A 219 32.07 -15.16 1.01
N PHE A 220 31.13 -14.47 1.67
CA PHE A 220 30.93 -14.66 3.10
C PHE A 220 30.46 -16.09 3.39
N ASN A 221 29.54 -16.61 2.58
CA ASN A 221 29.10 -17.99 2.77
C ASN A 221 30.22 -18.98 2.51
N ASN A 222 31.02 -18.73 1.47
CA ASN A 222 32.14 -19.61 1.16
C ASN A 222 33.22 -19.54 2.24
N TRP A 223 33.49 -18.34 2.77
CA TRP A 223 34.51 -18.20 3.79
C TRP A 223 34.16 -18.97 5.06
N ILE A 224 32.89 -18.89 5.48
CA ILE A 224 32.48 -19.61 6.68
C ILE A 224 32.46 -21.11 6.43
N SER A 225 31.95 -21.54 5.28
CA SER A 225 31.87 -22.96 4.99
C SER A 225 33.26 -23.58 4.85
N LYS A 226 34.18 -22.87 4.17
CA LYS A 226 35.53 -23.40 4.00
C LYS A 226 36.25 -23.52 5.34
N ALA A 227 36.12 -22.50 6.20
CA ALA A 227 36.78 -22.55 7.50
C ALA A 227 36.22 -23.66 8.37
N ILE A 228 34.90 -23.83 8.37
CA ILE A 228 34.26 -24.87 9.17
C ILE A 228 33.58 -25.89 8.27
N PRO A 265 2.93 -26.65 -26.07
CA PRO A 265 4.21 -26.18 -26.63
C PRO A 265 4.93 -25.21 -25.70
N PRO A 266 6.24 -25.10 -25.84
CA PRO A 266 7.00 -24.16 -25.00
C PRO A 266 6.68 -22.72 -25.35
N ARG A 267 6.99 -21.84 -24.40
N ARG A 267 7.00 -21.84 -24.40
CA ARG A 267 6.75 -20.42 -24.60
CA ARG A 267 6.77 -20.42 -24.60
C ARG A 267 7.59 -19.88 -25.75
C ARG A 267 7.59 -19.88 -25.76
N LEU A 268 7.03 -18.91 -26.47
CA LEU A 268 7.72 -18.36 -27.64
C LEU A 268 9.02 -17.68 -27.26
N ARG A 269 9.01 -16.91 -26.16
CA ARG A 269 10.14 -16.13 -25.63
C ARG A 269 10.37 -14.88 -26.47
N SER A 270 9.76 -14.80 -27.64
CA SER A 270 9.77 -13.56 -28.40
C SER A 270 8.58 -12.68 -28.02
N VAL A 271 7.39 -13.29 -27.90
CA VAL A 271 6.28 -12.61 -27.26
C VAL A 271 6.62 -12.28 -25.82
N ASP A 272 7.35 -13.16 -25.14
CA ASP A 272 7.80 -12.88 -23.79
C ASP A 272 8.77 -11.70 -23.75
N THR A 273 9.72 -11.65 -24.70
CA THR A 273 10.64 -10.52 -24.75
C THR A 273 9.90 -9.21 -25.01
N PHE A 274 8.93 -9.24 -25.93
CA PHE A 274 8.16 -8.04 -26.23
C PHE A 274 7.34 -7.60 -25.02
N ARG A 275 6.72 -8.55 -24.32
CA ARG A 275 5.97 -8.21 -23.12
C ARG A 275 6.88 -7.65 -22.05
N GLY A 276 8.09 -8.19 -21.91
CA GLY A 276 9.03 -7.67 -20.94
C GLY A 276 9.51 -6.27 -21.27
N ILE A 277 9.71 -5.99 -22.56
CA ILE A 277 10.05 -4.63 -22.98
C ILE A 277 8.92 -3.67 -22.61
N ALA A 278 7.69 -4.07 -22.90
CA ALA A 278 6.54 -3.25 -22.54
C ALA A 278 6.45 -3.05 -21.02
N LEU A 279 6.76 -4.10 -20.26
CA LEU A 279 6.68 -4.02 -18.80
C LEU A 279 7.75 -3.09 -18.24
N ILE A 280 8.97 -3.17 -18.77
CA ILE A 280 10.03 -2.28 -18.31
C ILE A 280 9.68 -0.83 -18.62
N LEU A 281 9.19 -0.58 -19.84
CA LEU A 281 8.78 0.78 -20.19
C LEU A 281 7.64 1.26 -19.30
N MET A 282 6.67 0.39 -19.00
CA MET A 282 5.54 0.77 -18.17
C MET A 282 5.98 1.05 -16.74
N VAL A 283 6.88 0.25 -16.19
CA VAL A 283 7.38 0.50 -14.84
C VAL A 283 8.16 1.81 -14.80
N PHE A 284 8.95 2.09 -15.84
CA PHE A 284 9.73 3.33 -15.86
C PHE A 284 8.82 4.54 -15.96
N VAL A 285 7.81 4.50 -16.82
CA VAL A 285 6.99 5.69 -17.06
C VAL A 285 5.89 5.85 -16.02
N ASN A 286 5.45 4.78 -15.36
CA ASN A 286 4.45 4.90 -14.32
C ASN A 286 5.04 5.51 -13.05
N TYR A 287 6.29 5.17 -12.75
CA TYR A 287 6.98 5.73 -11.60
C TYR A 287 7.37 7.19 -11.82
N GLY A 288 7.22 7.71 -13.03
CA GLY A 288 7.51 9.10 -13.31
C GLY A 288 8.38 9.29 -14.53
N GLY A 289 9.30 8.36 -14.76
CA GLY A 289 10.22 8.47 -15.89
C GLY A 289 11.11 9.69 -15.80
N GLY A 290 11.55 10.05 -14.61
CA GLY A 290 12.31 11.26 -14.41
C GLY A 290 11.49 12.53 -14.47
N LYS A 291 10.17 12.42 -14.45
CA LYS A 291 9.25 13.56 -14.58
C LYS A 291 9.45 14.28 -15.91
N TYR A 292 9.95 13.57 -16.92
CA TYR A 292 10.14 14.14 -18.24
C TYR A 292 8.81 14.20 -18.98
N TRP A 293 8.69 15.15 -19.90
CA TRP A 293 7.44 15.30 -20.64
C TRP A 293 7.28 14.21 -21.69
N TYR A 294 8.37 13.66 -22.21
CA TYR A 294 8.29 12.62 -23.22
C TYR A 294 8.12 11.22 -22.62
N PHE A 295 8.29 11.08 -21.31
CA PHE A 295 8.03 9.83 -20.62
C PHE A 295 6.70 9.84 -19.89
N LYS A 296 5.90 10.88 -20.08
CA LYS A 296 4.53 10.95 -19.58
C LYS A 296 3.56 10.73 -20.72
N HIS A 297 2.29 10.50 -20.37
CA HIS A 297 1.25 10.35 -21.37
C HIS A 297 1.04 11.67 -22.10
N ALA A 298 0.91 11.60 -23.42
CA ALA A 298 0.78 12.80 -24.23
C ALA A 298 -0.50 13.54 -23.90
N SER A 299 -0.45 14.86 -24.09
CA SER A 299 -1.60 15.72 -23.80
C SER A 299 -2.53 15.71 -25.00
N TRP A 300 -3.34 14.66 -25.08
CA TRP A 300 -4.48 14.46 -25.97
C TRP A 300 -4.09 14.16 -27.42
N ASN A 301 -2.83 14.23 -27.80
CA ASN A 301 -2.48 13.93 -29.19
C ASN A 301 -1.00 13.59 -29.27
N GLY A 302 -0.63 12.94 -30.36
CA GLY A 302 0.73 12.52 -30.58
C GLY A 302 1.08 11.28 -29.79
N LEU A 303 2.34 10.87 -29.92
CA LEU A 303 2.85 9.69 -29.25
C LEU A 303 4.04 10.07 -28.39
N THR A 304 4.08 9.52 -27.18
CA THR A 304 5.22 9.59 -26.29
C THR A 304 5.66 8.17 -25.94
N VAL A 305 6.74 8.07 -25.17
CA VAL A 305 7.23 6.76 -24.77
C VAL A 305 6.24 6.07 -23.84
N ALA A 306 5.51 6.84 -23.03
CA ALA A 306 4.53 6.27 -22.12
C ALA A 306 3.24 5.84 -22.82
N ASP A 307 2.99 6.35 -24.02
CA ASP A 307 1.77 6.02 -24.76
C ASP A 307 1.87 4.72 -25.53
N LEU A 308 3.01 4.04 -25.48
CA LEU A 308 3.22 2.82 -26.24
C LEU A 308 2.96 1.55 -25.45
N VAL A 309 3.02 1.61 -24.11
CA VAL A 309 3.00 0.40 -23.31
C VAL A 309 1.63 -0.29 -23.37
N PHE A 310 0.55 0.46 -23.17
CA PHE A 310 -0.76 -0.17 -23.05
C PHE A 310 -1.22 -0.83 -24.34
N PRO A 311 -1.20 -0.18 -25.51
CA PRO A 311 -1.61 -0.88 -26.73
C PRO A 311 -0.72 -2.07 -27.06
N TRP A 312 0.58 -1.97 -26.78
CA TRP A 312 1.44 -3.14 -26.94
C TRP A 312 1.04 -4.24 -25.97
N PHE A 313 0.62 -3.87 -24.76
CA PHE A 313 0.14 -4.87 -23.81
C PHE A 313 -1.11 -5.57 -24.33
N VAL A 314 -2.02 -4.82 -24.96
CA VAL A 314 -3.22 -5.43 -25.52
C VAL A 314 -2.86 -6.33 -26.70
N PHE A 315 -1.92 -5.90 -27.54
CA PHE A 315 -1.47 -6.71 -28.67
C PHE A 315 -0.88 -8.03 -28.19
N ILE A 316 0.01 -7.96 -27.19
CA ILE A 316 0.60 -9.17 -26.63
C ILE A 316 -0.46 -10.02 -25.94
N MET A 317 -1.44 -9.38 -25.31
CA MET A 317 -2.54 -10.11 -24.68
C MET A 317 -3.29 -10.93 -25.72
N GLY A 318 -3.61 -10.32 -26.87
CA GLY A 318 -4.31 -11.06 -27.91
C GLY A 318 -3.48 -12.18 -28.49
N SER A 319 -2.19 -11.91 -28.74
CA SER A 319 -1.31 -12.96 -29.26
C SER A 319 -1.25 -14.14 -28.31
N SER A 320 -1.04 -13.87 -27.02
CA SER A 320 -1.01 -14.94 -26.02
C SER A 320 -2.37 -15.60 -25.87
N ILE A 321 -3.45 -14.85 -26.09
CA ILE A 321 -4.79 -15.43 -26.06
C ILE A 321 -4.91 -16.52 -27.11
N PHE A 322 -4.52 -16.21 -28.36
CA PHE A 322 -4.58 -17.22 -29.41
C PHE A 322 -3.64 -18.38 -29.13
N LEU A 323 -2.41 -18.07 -28.68
CA LEU A 323 -1.45 -19.13 -28.39
C LEU A 323 -1.98 -20.10 -27.35
N SER A 324 -2.47 -19.57 -26.22
CA SER A 324 -2.99 -20.42 -25.15
C SER A 324 -4.24 -21.16 -25.58
N MET A 325 -5.15 -20.49 -26.31
CA MET A 325 -6.37 -21.16 -26.74
C MET A 325 -6.05 -22.35 -27.61
N THR A 326 -5.17 -22.16 -28.61
CA THR A 326 -4.88 -23.27 -29.51
C THR A 326 -4.06 -24.35 -28.82
N SER A 327 -3.18 -23.98 -27.88
CA SER A 327 -2.43 -25.00 -27.14
C SER A 327 -3.36 -25.85 -26.30
N ILE A 328 -4.36 -25.23 -25.67
CA ILE A 328 -5.31 -25.97 -24.86
C ILE A 328 -6.21 -26.82 -25.73
N LEU A 329 -6.67 -26.28 -26.86
CA LEU A 329 -7.58 -27.03 -27.73
C LEU A 329 -6.90 -28.20 -28.41
N GLN A 330 -5.60 -28.09 -28.70
CA GLN A 330 -4.87 -29.21 -29.29
C GLN A 330 -4.75 -30.39 -28.32
N ARG A 331 -4.96 -30.16 -27.03
CA ARG A 331 -4.92 -31.22 -26.03
C ARG A 331 -6.29 -31.87 -25.82
N GLY A 332 -7.29 -31.49 -26.61
CA GLY A 332 -8.61 -32.08 -26.53
C GLY A 332 -9.52 -31.51 -25.47
N CYS A 333 -9.09 -30.46 -24.76
CA CYS A 333 -9.92 -29.88 -23.72
C CYS A 333 -11.19 -29.27 -24.32
N SER A 334 -12.30 -29.43 -23.61
CA SER A 334 -13.58 -28.94 -24.09
C SER A 334 -13.60 -27.42 -24.11
N LYS A 335 -14.38 -26.87 -25.04
CA LYS A 335 -14.50 -25.41 -25.14
C LYS A 335 -15.21 -24.80 -23.94
N PHE A 336 -16.03 -25.59 -23.23
CA PHE A 336 -16.77 -25.04 -22.09
C PHE A 336 -15.86 -24.75 -20.91
N ARG A 337 -14.91 -25.65 -20.63
CA ARG A 337 -13.96 -25.39 -19.56
C ARG A 337 -13.07 -24.20 -19.88
N LEU A 338 -12.65 -24.08 -21.13
CA LEU A 338 -11.86 -22.92 -21.54
C LEU A 338 -12.68 -21.63 -21.45
N LEU A 339 -13.98 -21.70 -21.79
CA LEU A 339 -14.85 -20.54 -21.64
C LEU A 339 -14.98 -20.14 -20.18
N GLY A 340 -15.12 -21.13 -19.29
CA GLY A 340 -15.18 -20.82 -17.86
C GLY A 340 -13.89 -20.19 -17.36
N LYS A 341 -12.75 -20.71 -17.83
CA LYS A 341 -11.46 -20.11 -17.46
C LYS A 341 -11.36 -18.68 -17.96
N ILE A 342 -11.81 -18.42 -19.19
CA ILE A 342 -11.79 -17.08 -19.74
C ILE A 342 -12.65 -16.13 -18.90
N ALA A 343 -13.86 -16.58 -18.55
CA ALA A 343 -14.75 -15.76 -17.75
C ALA A 343 -14.16 -15.47 -16.38
N TRP A 344 -13.58 -16.49 -15.74
CA TRP A 344 -12.99 -16.28 -14.42
C TRP A 344 -11.79 -15.33 -14.49
N ARG A 345 -10.96 -15.48 -15.52
CA ARG A 345 -9.82 -14.58 -15.67
C ARG A 345 -10.26 -13.15 -15.91
N SER A 346 -11.28 -12.94 -16.74
CA SER A 346 -11.79 -11.59 -16.97
C SER A 346 -12.37 -11.01 -15.68
N PHE A 347 -13.13 -11.80 -14.93
CA PHE A 347 -13.71 -11.33 -13.69
C PHE A 347 -12.63 -10.95 -12.69
N LEU A 348 -11.60 -11.80 -12.56
CA LEU A 348 -10.51 -11.50 -11.64
C LEU A 348 -9.76 -10.25 -12.05
N LEU A 349 -9.50 -10.09 -13.36
CA LEU A 349 -8.80 -8.90 -13.83
C LEU A 349 -9.61 -7.63 -13.54
N ILE A 350 -10.92 -7.68 -13.81
CA ILE A 350 -11.76 -6.51 -13.56
C ILE A 350 -11.79 -6.17 -12.08
N CYS A 351 -11.96 -7.19 -11.22
CA CYS A 351 -12.02 -6.93 -9.78
C CYS A 351 -10.69 -6.40 -9.26
N ILE A 352 -9.57 -6.96 -9.72
CA ILE A 352 -8.27 -6.47 -9.28
C ILE A 352 -8.08 -5.02 -9.71
N GLY A 353 -8.40 -4.71 -10.97
CA GLY A 353 -8.27 -3.35 -11.44
C GLY A 353 -9.14 -2.38 -10.66
N ILE A 354 -10.35 -2.79 -10.31
CA ILE A 354 -11.26 -1.90 -9.59
C ILE A 354 -10.76 -1.67 -8.16
N ILE A 355 -10.33 -2.73 -7.49
CA ILE A 355 -10.07 -2.66 -6.06
C ILE A 355 -8.64 -2.22 -5.76
N ILE A 356 -7.65 -2.89 -6.36
CA ILE A 356 -6.26 -2.74 -5.94
C ILE A 356 -5.54 -1.66 -6.75
N VAL A 357 -5.78 -1.61 -8.06
CA VAL A 357 -4.94 -0.81 -8.95
C VAL A 357 -5.46 0.60 -9.13
N ASN A 358 -6.74 0.75 -9.48
CA ASN A 358 -7.27 2.07 -9.81
C ASN A 358 -7.21 3.07 -8.66
N PRO A 359 -7.70 2.78 -7.45
CA PRO A 359 -7.81 3.84 -6.45
C PRO A 359 -6.51 4.07 -5.69
N ASN A 360 -6.31 5.34 -5.33
CA ASN A 360 -5.19 5.73 -4.47
C ASN A 360 -5.67 5.67 -3.03
N TYR A 361 -5.16 4.70 -2.27
CA TYR A 361 -5.57 4.48 -0.89
C TYR A 361 -4.79 5.35 0.09
N CYS A 362 -3.80 6.11 -0.37
CA CYS A 362 -3.12 7.06 0.49
C CYS A 362 -3.97 8.30 0.75
N LEU A 363 -5.08 8.47 0.04
CA LEU A 363 -5.96 9.61 0.24
C LEU A 363 -7.07 9.33 1.23
N GLY A 364 -7.54 8.08 1.32
CA GLY A 364 -8.57 7.72 2.25
C GLY A 364 -9.24 6.41 1.88
N PRO A 365 -10.18 5.97 2.71
CA PRO A 365 -10.88 4.71 2.43
C PRO A 365 -11.75 4.82 1.19
N LEU A 366 -11.97 3.69 0.54
CA LEU A 366 -12.75 3.66 -0.68
C LEU A 366 -14.22 3.96 -0.41
N SER A 367 -14.82 4.76 -1.30
CA SER A 367 -16.24 5.06 -1.27
C SER A 367 -16.85 4.73 -2.63
N TRP A 368 -18.03 4.13 -2.62
CA TRP A 368 -18.70 3.82 -3.89
C TRP A 368 -19.09 5.08 -4.65
N ASP A 369 -19.32 6.18 -3.93
CA ASP A 369 -19.68 7.43 -4.60
C ASP A 369 -18.55 7.91 -5.52
N LYS A 370 -17.30 7.79 -5.08
CA LYS A 370 -16.15 8.21 -5.86
C LYS A 370 -15.18 7.03 -5.97
N VAL A 371 -15.43 6.18 -6.96
CA VAL A 371 -14.55 5.07 -7.28
C VAL A 371 -14.46 4.95 -8.80
N ARG A 372 -13.25 4.77 -9.32
CA ARG A 372 -13.03 4.74 -10.76
C ARG A 372 -13.34 3.34 -11.28
N ILE A 373 -14.51 3.19 -11.89
CA ILE A 373 -14.89 1.89 -12.45
C ILE A 373 -13.97 1.47 -13.59
N PRO A 374 -13.70 2.30 -14.60
CA PRO A 374 -12.79 1.87 -15.66
C PRO A 374 -11.33 1.92 -15.21
N GLY A 375 -10.49 1.26 -15.99
CA GLY A 375 -9.07 1.24 -15.68
C GLY A 375 -8.33 0.39 -16.68
N VAL A 376 -7.03 0.25 -16.45
CA VAL A 376 -6.19 -0.56 -17.33
C VAL A 376 -6.62 -2.03 -17.27
N LEU A 377 -6.75 -2.57 -16.05
CA LEU A 377 -7.09 -3.98 -15.91
C LEU A 377 -8.55 -4.25 -16.24
N GLN A 378 -9.44 -3.30 -15.98
CA GLN A 378 -10.83 -3.48 -16.39
C GLN A 378 -10.95 -3.55 -17.90
N ARG A 379 -10.25 -2.65 -18.60
CA ARG A 379 -10.24 -2.68 -20.06
C ARG A 379 -9.62 -3.97 -20.57
N LEU A 380 -8.51 -4.39 -19.96
CA LEU A 380 -7.86 -5.63 -20.38
C LEU A 380 -8.77 -6.83 -20.16
N GLY A 381 -9.48 -6.88 -19.03
CA GLY A 381 -10.38 -7.98 -18.77
C GLY A 381 -11.56 -8.02 -19.73
N VAL A 382 -12.16 -6.85 -20.00
CA VAL A 382 -13.29 -6.79 -20.93
C VAL A 382 -12.85 -7.23 -22.32
N THR A 383 -11.71 -6.70 -22.80
CA THR A 383 -11.23 -7.08 -24.12
C THR A 383 -10.83 -8.54 -24.17
N TYR A 384 -10.22 -9.05 -23.09
CA TYR A 384 -9.88 -10.47 -23.02
C TYR A 384 -11.13 -11.32 -23.15
N PHE A 385 -12.16 -11.02 -22.37
CA PHE A 385 -13.40 -11.78 -22.47
C PHE A 385 -13.94 -11.74 -23.88
N VAL A 386 -14.03 -10.53 -24.46
CA VAL A 386 -14.64 -10.38 -25.78
C VAL A 386 -13.88 -11.19 -26.83
N VAL A 387 -12.58 -10.91 -26.98
CA VAL A 387 -11.84 -11.53 -28.07
C VAL A 387 -11.63 -13.02 -27.82
N ALA A 388 -11.38 -13.42 -26.57
CA ALA A 388 -11.18 -14.83 -26.28
C ALA A 388 -12.46 -15.63 -26.52
N VAL A 389 -13.60 -15.12 -26.07
CA VAL A 389 -14.86 -15.81 -26.32
C VAL A 389 -15.17 -15.86 -27.80
N LEU A 390 -14.87 -14.77 -28.53
CA LEU A 390 -15.12 -14.75 -29.96
C LEU A 390 -14.30 -15.81 -30.68
N GLU A 391 -12.99 -15.85 -30.41
CA GLU A 391 -12.13 -16.81 -31.07
C GLU A 391 -12.34 -18.23 -30.57
N LEU A 392 -12.90 -18.40 -29.37
CA LEU A 392 -13.26 -19.74 -28.91
C LEU A 392 -14.53 -20.22 -29.61
N LEU A 393 -15.50 -19.34 -29.79
CA LEU A 393 -16.71 -19.71 -30.51
C LEU A 393 -16.41 -20.02 -31.97
N PHE A 394 -15.52 -19.24 -32.59
CA PHE A 394 -15.11 -19.47 -33.97
C PHE A 394 -13.76 -20.16 -34.09
N ALA A 395 -13.44 -21.04 -33.14
CA ALA A 395 -12.15 -21.71 -33.13
C ALA A 395 -12.05 -22.74 -34.24
N LYS A 396 -10.89 -22.76 -34.91
CA LYS A 396 -10.58 -23.72 -35.96
C LYS A 396 -9.21 -24.34 -35.68
N PRO A 397 -9.00 -25.60 -36.06
CA PRO A 397 -7.69 -26.21 -35.86
C PRO A 397 -6.64 -25.58 -36.75
N VAL A 398 -5.41 -25.53 -36.25
CA VAL A 398 -4.30 -24.97 -37.00
C VAL A 398 -3.84 -26.00 -38.02
N PRO A 399 -3.89 -25.69 -39.31
CA PRO A 399 -3.49 -26.67 -40.33
C PRO A 399 -1.97 -26.85 -40.36
N GLU A 400 -1.56 -28.02 -40.84
CA GLU A 400 -0.15 -28.30 -41.07
C GLU A 400 0.32 -27.63 -42.35
N HIS A 401 1.54 -27.11 -42.34
CA HIS A 401 2.08 -26.35 -43.46
C HIS A 401 3.42 -26.94 -43.87
N CYS A 402 3.52 -27.37 -45.13
CA CYS A 402 4.78 -27.83 -45.68
C CYS A 402 5.27 -26.92 -46.81
N ALA A 403 4.47 -26.75 -47.86
CA ALA A 403 4.77 -25.87 -48.99
C ALA A 403 6.21 -25.95 -49.47
N SER A 404 6.77 -24.81 -49.87
CA SER A 404 8.17 -24.72 -50.28
C SER A 404 8.57 -23.26 -50.24
N GLU A 405 9.63 -22.94 -49.51
CA GLU A 405 10.09 -21.57 -49.34
C GLU A 405 8.98 -20.69 -48.77
N ARG A 406 8.45 -19.79 -49.58
CA ARG A 406 7.36 -18.91 -49.18
C ARG A 406 6.03 -19.43 -49.72
N SER A 407 4.96 -19.12 -48.98
CA SER A 407 3.62 -19.56 -49.36
C SER A 407 3.01 -18.70 -50.46
N CYS A 408 3.58 -17.53 -50.75
CA CYS A 408 3.07 -16.61 -51.77
C CYS A 408 1.61 -16.25 -51.51
N LEU A 409 1.39 -15.60 -50.37
CA LEU A 409 0.07 -15.10 -49.96
C LEU A 409 -0.94 -16.24 -49.88
N SER A 410 -0.68 -17.17 -48.95
CA SER A 410 -1.62 -18.26 -48.72
C SER A 410 -2.95 -17.73 -48.19
N LEU A 411 -2.90 -16.76 -47.28
CA LEU A 411 -4.08 -16.09 -46.73
C LEU A 411 -5.02 -17.04 -46.02
N ARG A 412 -4.53 -18.19 -45.57
CA ARG A 412 -5.39 -19.12 -44.83
C ARG A 412 -5.75 -18.58 -43.45
N ASP A 413 -4.83 -17.86 -42.81
CA ASP A 413 -5.07 -17.32 -41.48
C ASP A 413 -6.11 -16.20 -41.47
N ILE A 414 -6.52 -15.71 -42.64
CA ILE A 414 -7.59 -14.73 -42.74
C ILE A 414 -8.87 -15.34 -43.29
N THR A 415 -8.75 -16.29 -44.23
CA THR A 415 -9.93 -16.99 -44.70
C THR A 415 -10.53 -17.85 -43.59
N SER A 416 -9.72 -18.30 -42.64
CA SER A 416 -10.23 -19.02 -41.48
C SER A 416 -10.69 -18.09 -40.37
N SER A 417 -10.39 -16.80 -40.45
CA SER A 417 -10.82 -15.82 -39.46
C SER A 417 -11.81 -14.82 -40.05
N TRP A 418 -12.37 -15.14 -41.22
CA TRP A 418 -13.36 -14.27 -41.84
C TRP A 418 -14.52 -13.83 -40.95
N PRO A 419 -15.16 -14.67 -40.11
CA PRO A 419 -16.28 -14.16 -39.32
C PRO A 419 -15.85 -13.33 -38.12
N GLN A 420 -14.75 -13.70 -37.46
CA GLN A 420 -14.19 -12.83 -36.43
C GLN A 420 -13.75 -11.49 -37.04
N TRP A 421 -13.16 -11.53 -38.24
CA TRP A 421 -12.79 -10.29 -38.92
C TRP A 421 -14.01 -9.46 -39.26
N LEU A 422 -15.10 -10.11 -39.68
CA LEU A 422 -16.33 -9.38 -39.98
C LEU A 422 -16.88 -8.71 -38.73
N LEU A 423 -16.89 -9.42 -37.60
CA LEU A 423 -17.39 -8.83 -36.37
C LEU A 423 -16.47 -7.70 -35.88
N ILE A 424 -15.16 -7.85 -36.07
CA ILE A 424 -14.23 -6.79 -35.70
C ILE A 424 -14.45 -5.55 -36.56
N LEU A 425 -14.67 -5.74 -37.87
CA LEU A 425 -14.94 -4.62 -38.74
C LEU A 425 -16.27 -3.95 -38.40
N VAL A 426 -17.27 -4.75 -38.00
CA VAL A 426 -18.54 -4.17 -37.55
C VAL A 426 -18.33 -3.34 -36.29
N LEU A 427 -17.51 -3.85 -35.36
CA LEU A 427 -17.21 -3.09 -34.15
C LEU A 427 -16.47 -1.80 -34.48
N GLU A 428 -15.53 -1.85 -35.43
CA GLU A 428 -14.81 -0.64 -35.84
C GLU A 428 -15.76 0.37 -36.47
N GLY A 429 -16.68 -0.10 -37.32
CA GLY A 429 -17.67 0.78 -37.89
C GLY A 429 -18.56 1.40 -36.82
N LEU A 430 -18.91 0.62 -35.81
CA LEU A 430 -19.69 1.15 -34.69
C LEU A 430 -18.91 2.22 -33.93
N TRP A 431 -17.61 2.00 -33.71
CA TRP A 431 -16.78 2.99 -33.05
C TRP A 431 -16.72 4.27 -33.85
N LEU A 432 -16.50 4.15 -35.18
CA LEU A 432 -16.45 5.34 -36.03
C LEU A 432 -17.78 6.07 -36.02
N GLY A 433 -18.90 5.33 -36.11
CA GLY A 433 -20.20 5.98 -36.12
C GLY A 433 -20.52 6.68 -34.82
N LEU A 434 -20.21 6.03 -33.69
CA LEU A 434 -20.45 6.67 -32.40
C LEU A 434 -19.56 7.89 -32.22
N THR A 435 -18.31 7.82 -32.67
CA THR A 435 -17.40 8.95 -32.48
C THR A 435 -17.79 10.13 -33.35
N PHE A 436 -18.05 9.88 -34.64
CA PHE A 436 -18.25 10.95 -35.60
C PHE A 436 -19.72 11.30 -35.85
N LEU A 437 -20.66 10.63 -35.19
CA LEU A 437 -22.07 10.84 -35.48
C LEU A 437 -22.96 10.99 -34.26
N LEU A 438 -22.55 10.51 -33.09
CA LEU A 438 -23.40 10.61 -31.91
C LEU A 438 -23.50 12.06 -31.46
N PRO A 439 -24.71 12.63 -31.37
CA PRO A 439 -24.84 14.05 -31.00
C PRO A 439 -24.64 14.25 -29.51
N VAL A 440 -23.50 14.81 -29.14
CA VAL A 440 -23.24 15.20 -27.76
C VAL A 440 -23.94 16.53 -27.47
N PRO A 441 -24.76 16.62 -26.43
CA PRO A 441 -25.43 17.90 -26.15
C PRO A 441 -24.45 18.93 -25.65
N GLY A 442 -24.58 20.15 -26.20
CA GLY A 442 -23.64 21.21 -25.88
C GLY A 442 -22.24 20.93 -26.37
N CYS A 443 -22.10 20.31 -27.55
CA CYS A 443 -20.83 19.88 -28.08
C CYS A 443 -21.01 19.50 -29.56
N PRO A 444 -20.06 19.83 -30.43
CA PRO A 444 -20.22 19.50 -31.84
C PRO A 444 -20.16 18.00 -32.08
N THR A 445 -20.90 17.55 -33.09
CA THR A 445 -20.90 16.15 -33.47
C THR A 445 -19.56 15.76 -34.08
N GLY A 446 -19.03 14.62 -33.65
CA GLY A 446 -17.75 14.18 -34.15
C GLY A 446 -16.56 14.87 -33.51
N TYR A 447 -16.70 15.32 -32.27
CA TYR A 447 -15.64 16.07 -31.60
C TYR A 447 -14.53 15.14 -31.17
N LEU A 448 -13.28 15.52 -31.45
CA LEU A 448 -12.11 14.78 -31.03
C LEU A 448 -11.16 15.61 -30.17
N GLY A 449 -11.46 16.90 -29.96
CA GLY A 449 -10.55 17.77 -29.26
C GLY A 449 -10.52 17.53 -27.77
N PRO A 450 -9.63 18.24 -27.08
CA PRO A 450 -9.44 18.04 -25.64
C PRO A 450 -10.27 18.94 -24.74
N GLY A 451 -11.09 19.83 -25.30
CA GLY A 451 -11.86 20.71 -24.45
C GLY A 451 -10.97 21.70 -23.72
N GLY A 452 -11.51 22.22 -22.61
CA GLY A 452 -10.77 23.20 -21.83
C GLY A 452 -10.44 24.42 -22.68
N ILE A 453 -9.18 24.83 -22.65
CA ILE A 453 -8.73 25.90 -23.54
C ILE A 453 -8.36 25.39 -24.91
N GLY A 454 -8.33 24.07 -25.11
CA GLY A 454 -8.06 23.53 -26.42
C GLY A 454 -9.18 23.81 -27.40
N ASP A 455 -8.83 23.77 -28.68
CA ASP A 455 -9.76 24.14 -29.76
C ASP A 455 -10.30 25.55 -29.54
N PHE A 456 -9.41 26.46 -29.17
CA PHE A 456 -9.70 27.88 -28.93
C PHE A 456 -10.65 28.10 -27.76
N GLY A 457 -10.79 27.10 -26.90
CA GLY A 457 -11.56 27.28 -25.66
C GLY A 457 -13.04 27.54 -25.85
N LYS A 458 -13.60 27.20 -27.02
CA LYS A 458 -15.02 27.38 -27.27
C LYS A 458 -15.84 26.17 -26.87
N TYR A 459 -15.20 25.08 -26.44
CA TYR A 459 -15.88 23.92 -25.89
C TYR A 459 -15.23 23.58 -24.55
N PRO A 460 -15.50 24.37 -23.52
CA PRO A 460 -14.80 24.17 -22.24
C PRO A 460 -14.98 22.80 -21.62
N ASN A 461 -16.14 22.18 -21.78
CA ASN A 461 -16.39 20.83 -21.29
C ASN A 461 -16.78 19.95 -22.47
N CYS A 462 -15.75 19.48 -23.20
CA CYS A 462 -15.97 18.51 -24.27
C CYS A 462 -14.82 17.51 -24.37
N THR A 463 -14.15 17.21 -23.26
CA THR A 463 -13.03 16.29 -23.31
C THR A 463 -13.49 14.91 -23.76
N GLY A 464 -13.09 14.52 -24.97
CA GLY A 464 -13.44 13.25 -25.55
C GLY A 464 -14.59 13.32 -26.53
N GLY A 465 -15.48 14.29 -26.37
CA GLY A 465 -16.64 14.38 -27.24
C GLY A 465 -17.57 13.20 -27.05
N ALA A 466 -17.66 12.33 -28.05
CA ALA A 466 -18.57 11.21 -27.98
C ALA A 466 -18.15 10.19 -26.93
N ALA A 467 -16.85 9.87 -26.86
CA ALA A 467 -16.39 8.87 -25.91
C ALA A 467 -16.58 9.35 -24.47
N GLY A 468 -16.17 10.59 -24.19
CA GLY A 468 -16.38 11.15 -22.86
C GLY A 468 -17.85 11.31 -22.51
N TYR A 469 -18.68 11.69 -23.48
CA TYR A 469 -20.11 11.80 -23.23
C TYR A 469 -20.72 10.45 -22.90
N ILE A 470 -20.30 9.40 -23.61
CA ILE A 470 -20.78 8.06 -23.32
C ILE A 470 -20.34 7.63 -21.92
N ASP A 471 -19.09 7.92 -21.57
CA ASP A 471 -18.59 7.57 -20.24
C ASP A 471 -19.41 8.27 -19.15
N ARG A 472 -19.65 9.57 -19.33
CA ARG A 472 -20.41 10.32 -18.32
C ARG A 472 -21.87 9.90 -18.28
N LEU A 473 -22.42 9.47 -19.41
CA LEU A 473 -23.82 9.05 -19.47
C LEU A 473 -24.01 7.69 -18.82
N LEU A 474 -23.08 6.76 -19.01
CA LEU A 474 -23.24 5.41 -18.50
C LEU A 474 -22.68 5.26 -17.09
N LEU A 475 -21.39 5.54 -16.90
CA LEU A 475 -20.74 5.33 -15.62
C LEU A 475 -20.84 6.53 -14.67
N GLY A 476 -21.32 7.67 -15.15
CA GLY A 476 -21.39 8.85 -14.33
C GLY A 476 -20.07 9.59 -14.25
N ASP A 477 -20.16 10.87 -13.89
CA ASP A 477 -18.96 11.71 -13.85
C ASP A 477 -18.04 11.34 -12.69
N ASP A 478 -18.60 10.84 -11.58
CA ASP A 478 -17.79 10.53 -10.41
C ASP A 478 -16.96 9.27 -10.59
N HIS A 479 -17.44 8.32 -11.40
CA HIS A 479 -16.77 7.04 -11.58
C HIS A 479 -15.80 7.03 -12.75
N LEU A 480 -15.25 8.19 -13.11
CA LEU A 480 -14.27 8.29 -14.19
C LEU A 480 -12.92 8.71 -13.61
N TYR A 481 -11.96 8.92 -14.50
CA TYR A 481 -10.63 9.37 -14.12
C TYR A 481 -10.68 10.88 -13.89
N GLN A 482 -10.57 11.29 -12.62
CA GLN A 482 -10.71 12.70 -12.27
C GLN A 482 -9.55 13.56 -12.74
N HIS A 483 -8.43 12.95 -13.15
CA HIS A 483 -7.24 13.67 -13.58
C HIS A 483 -6.80 13.17 -14.95
N PRO A 484 -7.48 13.62 -16.00
CA PRO A 484 -7.06 13.21 -17.35
C PRO A 484 -5.71 13.80 -17.72
N SER A 485 -5.07 13.18 -18.71
CA SER A 485 -3.73 13.61 -19.11
C SER A 485 -3.74 15.02 -19.70
N SER A 486 -4.87 15.47 -20.23
CA SER A 486 -4.97 16.79 -20.82
C SER A 486 -5.22 17.89 -19.80
N ALA A 487 -5.40 17.53 -18.52
CA ALA A 487 -5.72 18.55 -17.52
C ALA A 487 -4.57 19.54 -17.33
N VAL A 488 -3.33 19.05 -17.42
CA VAL A 488 -2.17 19.91 -17.15
C VAL A 488 -1.99 20.95 -18.26
N LEU A 489 -2.23 20.57 -19.51
CA LEU A 489 -1.94 21.45 -20.64
C LEU A 489 -3.16 22.21 -21.14
N TYR A 490 -4.29 21.53 -21.32
CA TYR A 490 -5.50 22.18 -21.83
C TYR A 490 -6.41 22.66 -20.73
N HIS A 491 -6.02 22.51 -19.46
CA HIS A 491 -6.78 23.02 -18.33
C HIS A 491 -8.21 22.51 -18.32
N THR A 492 -8.38 21.23 -18.64
CA THR A 492 -9.70 20.62 -18.62
C THR A 492 -10.20 20.49 -17.19
N GLU A 493 -11.45 20.89 -16.96
CA GLU A 493 -12.05 20.84 -15.63
C GLU A 493 -12.89 19.59 -15.39
N VAL A 494 -13.37 18.94 -16.44
CA VAL A 494 -14.21 17.76 -16.29
C VAL A 494 -13.33 16.51 -16.27
N ALA A 495 -13.91 15.41 -15.81
CA ALA A 495 -13.20 14.15 -15.67
C ALA A 495 -13.42 13.28 -16.90
N TYR A 496 -12.33 12.78 -17.47
CA TYR A 496 -12.37 11.89 -18.62
C TYR A 496 -11.49 10.68 -18.33
N ASP A 497 -11.99 9.50 -18.69
CA ASP A 497 -11.26 8.26 -18.45
C ASP A 497 -10.65 7.76 -19.75
N PRO A 498 -9.32 7.67 -19.86
CA PRO A 498 -8.72 7.13 -21.09
C PRO A 498 -9.17 5.71 -21.40
N GLU A 499 -9.38 4.89 -20.37
CA GLU A 499 -9.86 3.53 -20.53
C GLU A 499 -11.37 3.45 -20.41
N GLY A 500 -12.06 4.27 -21.20
CA GLY A 500 -13.51 4.38 -21.10
C GLY A 500 -14.26 3.22 -21.71
N ILE A 501 -15.45 3.50 -22.21
CA ILE A 501 -16.32 2.48 -22.79
C ILE A 501 -16.19 2.44 -24.31
N LEU A 502 -16.21 3.61 -24.96
CA LEU A 502 -16.11 3.65 -26.41
C LEU A 502 -14.74 3.14 -26.88
N GLY A 503 -13.67 3.51 -26.18
CA GLY A 503 -12.35 3.05 -26.54
C GLY A 503 -12.14 1.57 -26.36
N THR A 504 -13.03 0.91 -25.62
CA THR A 504 -12.92 -0.54 -25.45
C THR A 504 -13.11 -1.26 -26.78
N ILE A 505 -13.85 -0.66 -27.71
CA ILE A 505 -14.01 -1.25 -29.05
C ILE A 505 -12.67 -1.31 -29.75
N ASN A 506 -11.91 -0.20 -29.70
CA ASN A 506 -10.60 -0.18 -30.35
C ASN A 506 -9.60 -1.05 -29.60
N SER A 507 -9.73 -1.14 -28.27
CA SER A 507 -8.90 -2.07 -27.52
C SER A 507 -9.16 -3.50 -27.95
N ILE A 508 -10.43 -3.85 -28.18
CA ILE A 508 -10.79 -5.17 -28.69
C ILE A 508 -10.20 -5.38 -30.08
N VAL A 509 -10.26 -4.35 -30.92
CA VAL A 509 -9.71 -4.46 -32.27
C VAL A 509 -8.21 -4.72 -32.23
N MET A 510 -7.49 -4.02 -31.34
CA MET A 510 -6.06 -4.24 -31.23
C MET A 510 -5.74 -5.60 -30.61
N ALA A 511 -6.56 -6.06 -29.67
CA ALA A 511 -6.38 -7.42 -29.15
C ALA A 511 -6.57 -8.45 -30.26
N PHE A 512 -7.52 -8.20 -31.16
CA PHE A 512 -7.70 -9.12 -32.28
C PHE A 512 -6.56 -9.01 -33.29
N LEU A 513 -5.95 -7.83 -33.42
CA LEU A 513 -4.75 -7.74 -34.24
C LEU A 513 -3.60 -8.54 -33.64
N GLY A 514 -3.47 -8.51 -32.32
CA GLY A 514 -2.52 -9.40 -31.65
C GLY A 514 -2.86 -10.87 -31.88
N VAL A 515 -4.15 -11.21 -31.85
CA VAL A 515 -4.58 -12.56 -32.17
C VAL A 515 -4.19 -12.92 -33.60
N GLN A 516 -4.28 -11.96 -34.51
CA GLN A 516 -3.85 -12.19 -35.89
C GLN A 516 -2.35 -12.45 -35.96
N ALA A 517 -1.56 -11.73 -35.17
CA ALA A 517 -0.13 -11.99 -35.12
C ALA A 517 0.15 -13.40 -34.58
N GLY A 518 -0.60 -13.82 -33.56
CA GLY A 518 -0.46 -15.18 -33.07
C GLY A 518 -0.82 -16.22 -34.10
N LYS A 519 -1.88 -15.97 -34.87
CA LYS A 519 -2.24 -16.86 -35.98
C LYS A 519 -1.13 -16.91 -37.01
N ILE A 520 -0.50 -15.77 -37.28
CA ILE A 520 0.60 -15.72 -38.24
C ILE A 520 1.75 -16.59 -37.75
N LEU A 521 2.12 -16.46 -36.48
CA LEU A 521 3.29 -17.14 -35.95
C LEU A 521 3.01 -18.58 -35.56
N LEU A 522 1.74 -19.01 -35.56
CA LEU A 522 1.40 -20.41 -35.30
C LEU A 522 1.04 -21.20 -36.53
N TYR A 523 0.30 -20.60 -37.48
CA TYR A 523 -0.04 -21.30 -38.71
C TYR A 523 1.22 -21.68 -39.49
N TYR A 524 2.07 -20.70 -39.74
CA TYR A 524 3.33 -20.92 -40.47
C TYR A 524 4.49 -21.17 -39.51
N LYS A 525 4.31 -22.11 -38.58
CA LYS A 525 5.34 -22.37 -37.59
C LYS A 525 6.60 -22.93 -38.22
N ALA A 526 6.45 -23.84 -39.19
CA ALA A 526 7.61 -24.47 -39.81
C ALA A 526 8.42 -23.47 -40.64
N ARG A 527 7.74 -22.61 -41.39
CA ARG A 527 8.39 -21.69 -42.31
C ARG A 527 8.55 -20.33 -41.63
N THR A 528 9.80 -19.94 -41.37
CA THR A 528 10.07 -18.64 -40.78
C THR A 528 9.95 -17.52 -41.80
N LYS A 529 10.28 -17.80 -43.07
CA LYS A 529 10.11 -16.79 -44.11
C LYS A 529 8.66 -16.38 -44.25
N ASP A 530 7.74 -17.33 -44.13
CA ASP A 530 6.32 -17.00 -44.18
C ASP A 530 5.93 -16.08 -43.04
N ILE A 531 6.42 -16.36 -41.82
CA ILE A 531 6.11 -15.52 -40.67
C ILE A 531 6.67 -14.11 -40.87
N LEU A 532 7.90 -14.00 -41.36
CA LEU A 532 8.49 -12.68 -41.57
C LEU A 532 7.74 -11.91 -42.65
N ILE A 533 7.36 -12.58 -43.73
CA ILE A 533 6.60 -11.93 -44.81
C ILE A 533 5.26 -11.45 -44.29
N ARG A 534 4.57 -12.28 -43.50
CA ARG A 534 3.28 -11.88 -42.94
C ARG A 534 3.44 -10.70 -41.99
N PHE A 535 4.46 -10.74 -41.13
CA PHE A 535 4.67 -9.65 -40.19
C PHE A 535 4.97 -8.34 -40.91
N THR A 536 5.84 -8.37 -41.91
CA THR A 536 6.18 -7.15 -42.62
C THR A 536 4.99 -6.65 -43.44
N ALA A 537 4.20 -7.55 -44.02
CA ALA A 537 3.03 -7.14 -44.78
C ALA A 537 2.00 -6.49 -43.87
N TRP A 538 1.73 -7.09 -42.71
CA TRP A 538 0.76 -6.51 -41.79
C TRP A 538 1.27 -5.19 -41.21
N CYS A 539 2.56 -5.09 -40.90
CA CYS A 539 3.12 -3.84 -40.42
C CYS A 539 2.98 -2.75 -41.48
N CYS A 540 3.28 -3.08 -42.75
CA CYS A 540 3.14 -2.10 -43.82
C CYS A 540 1.69 -1.68 -44.00
N ILE A 541 0.76 -2.64 -43.97
CA ILE A 541 -0.66 -2.32 -44.17
C ILE A 541 -1.15 -1.41 -43.06
N LEU A 542 -0.85 -1.74 -41.81
CA LEU A 542 -1.29 -0.92 -40.70
C LEU A 542 -0.60 0.44 -40.69
N GLY A 543 0.66 0.49 -41.11
CA GLY A 543 1.34 1.77 -41.20
C GLY A 543 0.74 2.67 -42.26
N LEU A 544 0.39 2.11 -43.42
CA LEU A 544 -0.27 2.91 -44.45
C LEU A 544 -1.65 3.37 -43.99
N ILE A 545 -2.39 2.49 -43.30
CA ILE A 545 -3.69 2.89 -42.78
C ILE A 545 -3.55 4.03 -41.79
N SER A 546 -2.57 3.93 -40.89
CA SER A 546 -2.34 4.99 -39.91
C SER A 546 -1.91 6.29 -40.57
N VAL A 547 -1.05 6.20 -41.58
CA VAL A 547 -0.60 7.40 -42.29
C VAL A 547 -1.77 8.06 -42.99
N ALA A 548 -2.65 7.27 -43.60
CA ALA A 548 -3.85 7.84 -44.22
C ALA A 548 -4.75 8.49 -43.19
N LEU A 549 -4.91 7.86 -42.03
CA LEU A 549 -5.83 8.38 -41.03
C LEU A 549 -5.32 9.67 -40.40
N THR A 550 -4.06 9.69 -39.95
CA THR A 550 -3.53 10.81 -39.20
C THR A 550 -2.70 11.77 -40.04
N LYS A 551 -2.47 11.46 -41.32
CA LYS A 551 -1.67 12.31 -42.20
C LYS A 551 -0.27 12.56 -41.63
N VAL A 552 0.29 11.53 -40.99
CA VAL A 552 1.61 11.54 -40.37
C VAL A 552 1.86 12.81 -39.57
N SER A 553 0.80 13.41 -39.04
CA SER A 553 0.91 14.66 -38.30
C SER A 553 -0.09 14.64 -37.16
N GLU A 554 0.39 14.79 -35.93
CA GLU A 554 -0.50 14.86 -34.78
C GLU A 554 -1.32 16.15 -34.82
N ASN A 555 -2.50 16.09 -34.20
CA ASN A 555 -3.49 17.16 -34.15
C ASN A 555 -4.10 17.46 -35.51
N GLU A 556 -3.75 16.71 -36.55
CA GLU A 556 -4.32 16.91 -37.88
C GLU A 556 -4.63 15.56 -38.50
N GLY A 557 -5.46 15.57 -39.53
CA GLY A 557 -5.91 14.37 -40.18
C GLY A 557 -7.32 13.99 -39.74
N PHE A 558 -7.85 12.95 -40.39
CA PHE A 558 -9.19 12.49 -40.09
C PHE A 558 -9.30 12.00 -38.65
N ILE A 559 -8.41 11.10 -38.26
CA ILE A 559 -8.38 10.58 -36.90
C ILE A 559 -6.95 10.70 -36.37
N PRO A 560 -6.64 11.76 -35.63
CA PRO A 560 -5.28 11.88 -35.09
C PRO A 560 -4.99 10.81 -34.05
N VAL A 561 -3.69 10.52 -33.88
CA VAL A 561 -3.26 9.52 -32.91
C VAL A 561 -3.61 10.01 -31.52
N ASN A 562 -4.39 9.22 -30.79
CA ASN A 562 -4.91 9.65 -29.50
C ASN A 562 -5.03 8.44 -28.57
N LYS A 563 -4.29 8.47 -27.47
CA LYS A 563 -4.40 7.39 -26.48
C LYS A 563 -5.67 7.53 -25.64
N ASN A 564 -6.04 8.75 -25.28
CA ASN A 564 -7.21 8.96 -24.44
C ASN A 564 -8.49 8.48 -25.13
N LEU A 565 -8.64 8.79 -26.41
CA LEU A 565 -9.76 8.28 -27.18
C LEU A 565 -9.53 6.88 -27.71
N TRP A 566 -8.30 6.36 -27.60
CA TRP A 566 -7.93 5.08 -28.21
C TRP A 566 -8.32 5.06 -29.68
N SER A 567 -7.83 6.06 -30.41
CA SER A 567 -8.26 6.28 -31.79
C SER A 567 -7.90 5.09 -32.68
N LEU A 568 -8.61 5.00 -33.80
CA LEU A 568 -8.32 3.95 -34.77
C LEU A 568 -6.92 4.11 -35.34
N SER A 569 -6.51 5.35 -35.61
CA SER A 569 -5.14 5.58 -36.06
C SER A 569 -4.14 5.24 -34.97
N TYR A 570 -4.49 5.48 -33.71
CA TYR A 570 -3.64 5.06 -32.59
C TYR A 570 -3.45 3.54 -32.60
N VAL A 571 -4.55 2.81 -32.75
CA VAL A 571 -4.49 1.35 -32.77
C VAL A 571 -3.67 0.86 -33.94
N THR A 572 -3.89 1.42 -35.12
CA THR A 572 -3.16 0.98 -36.31
C THR A 572 -1.68 1.33 -36.22
N THR A 573 -1.35 2.52 -35.72
CA THR A 573 0.04 2.92 -35.56
C THR A 573 0.76 1.97 -34.62
N LEU A 574 0.20 1.73 -33.44
CA LEU A 574 0.91 0.89 -32.48
C LEU A 574 0.82 -0.58 -32.83
N SER A 575 -0.16 -0.99 -33.65
CA SER A 575 -0.17 -2.36 -34.16
C SER A 575 0.92 -2.56 -35.20
N SER A 576 1.15 -1.55 -36.06
CA SER A 576 2.29 -1.61 -36.96
C SER A 576 3.60 -1.63 -36.19
N PHE A 577 3.68 -0.83 -35.11
CA PHE A 577 4.86 -0.85 -34.26
C PHE A 577 5.07 -2.23 -33.65
N ALA A 578 4.01 -2.84 -33.14
CA ALA A 578 4.13 -4.16 -32.52
C ALA A 578 4.48 -5.22 -33.55
N PHE A 579 3.92 -5.12 -34.75
CA PHE A 579 4.27 -6.07 -35.81
C PHE A 579 5.74 -5.93 -36.21
N PHE A 580 6.24 -4.70 -36.29
CA PHE A 580 7.65 -4.51 -36.58
C PHE A 580 8.53 -5.05 -35.45
N ILE A 581 8.12 -4.84 -34.20
CA ILE A 581 8.88 -5.35 -33.06
C ILE A 581 8.90 -6.88 -33.08
N LEU A 582 7.76 -7.49 -33.41
CA LEU A 582 7.73 -8.95 -33.54
C LEU A 582 8.56 -9.41 -34.73
N LEU A 583 8.59 -8.64 -35.81
CA LEU A 583 9.40 -8.98 -36.96
C LEU A 583 10.89 -8.97 -36.62
N VAL A 584 11.31 -8.02 -35.78
CA VAL A 584 12.72 -7.96 -35.38
C VAL A 584 13.04 -8.81 -34.17
N LEU A 585 12.03 -9.36 -33.49
CA LEU A 585 12.25 -10.20 -32.33
C LEU A 585 12.03 -11.68 -32.59
N TYR A 586 11.34 -12.05 -33.68
CA TYR A 586 11.10 -13.47 -33.94
C TYR A 586 12.36 -14.18 -34.41
N PRO A 587 13.05 -13.74 -35.47
CA PRO A 587 14.27 -14.46 -35.87
C PRO A 587 15.35 -14.40 -34.81
N VAL A 588 15.65 -13.20 -34.33
CA VAL A 588 16.77 -13.00 -33.42
C VAL A 588 16.61 -13.83 -32.16
N VAL A 589 15.44 -13.78 -31.54
CA VAL A 589 15.24 -14.45 -30.26
C VAL A 589 14.84 -15.91 -30.43
N ASP A 590 14.09 -16.24 -31.49
CA ASP A 590 13.51 -17.57 -31.66
C ASP A 590 14.31 -18.43 -32.64
N VAL A 591 14.48 -17.95 -33.87
CA VAL A 591 15.00 -18.79 -34.94
C VAL A 591 16.52 -18.76 -34.95
N LYS A 592 17.10 -17.58 -35.14
CA LYS A 592 18.55 -17.45 -35.20
C LYS A 592 19.18 -17.67 -33.83
N GLY A 593 18.49 -17.28 -32.76
CA GLY A 593 19.04 -17.45 -31.43
C GLY A 593 20.14 -16.50 -31.06
N LEU A 594 20.33 -15.43 -31.84
CA LEU A 594 21.37 -14.44 -31.52
C LEU A 594 21.11 -13.75 -30.19
N TRP A 595 19.88 -13.78 -29.69
CA TRP A 595 19.52 -13.14 -28.45
C TRP A 595 18.46 -13.98 -27.77
N THR A 596 18.36 -13.83 -26.44
CA THR A 596 17.32 -14.52 -25.69
C THR A 596 16.47 -13.56 -24.86
N GLY A 597 16.62 -12.25 -25.07
CA GLY A 597 15.86 -11.28 -24.31
C GLY A 597 16.15 -11.31 -22.81
N THR A 598 17.43 -11.41 -22.44
CA THR A 598 17.78 -11.67 -21.04
C THR A 598 17.20 -10.65 -20.07
N PRO A 599 17.32 -9.33 -20.26
CA PRO A 599 16.74 -8.41 -19.27
C PRO A 599 15.23 -8.24 -19.40
N PHE A 600 14.61 -8.84 -20.41
CA PHE A 600 13.21 -8.60 -20.73
C PHE A 600 12.31 -9.80 -20.52
N PHE A 601 12.77 -11.02 -20.82
CA PHE A 601 11.87 -12.16 -20.74
C PHE A 601 11.63 -12.64 -19.31
N TYR A 602 12.30 -12.07 -18.31
CA TYR A 602 12.01 -12.40 -16.93
C TYR A 602 10.68 -11.79 -16.50
N PRO A 603 10.44 -10.48 -16.73
CA PRO A 603 9.07 -9.97 -16.55
C PRO A 603 8.09 -10.52 -17.56
N GLY A 604 8.55 -11.02 -18.70
CA GLY A 604 7.63 -11.58 -19.69
C GLY A 604 6.82 -12.75 -19.16
N MET A 605 7.30 -13.41 -18.10
CA MET A 605 6.60 -14.52 -17.49
C MET A 605 5.91 -14.16 -16.18
N ASN A 606 6.14 -12.96 -15.64
CA ASN A 606 5.50 -12.49 -14.42
C ASN A 606 4.91 -11.10 -14.64
N SER A 607 4.40 -10.85 -15.84
CA SER A 607 3.78 -9.56 -16.16
C SER A 607 2.72 -9.15 -15.15
N ILE A 608 1.78 -10.05 -14.86
CA ILE A 608 0.68 -9.68 -13.97
C ILE A 608 1.20 -9.41 -12.56
N LEU A 609 2.12 -10.23 -12.08
CA LEU A 609 2.69 -10.00 -10.76
C LEU A 609 3.44 -8.69 -10.71
N VAL A 610 4.20 -8.36 -11.75
CA VAL A 610 4.96 -7.12 -11.76
C VAL A 610 4.02 -5.93 -11.77
N TYR A 611 2.97 -5.98 -12.60
CA TYR A 611 2.02 -4.87 -12.65
C TYR A 611 1.33 -4.66 -11.31
N VAL A 612 0.79 -5.74 -10.74
CA VAL A 612 0.08 -5.63 -9.46
C VAL A 612 1.03 -5.15 -8.37
N GLY A 613 2.25 -5.69 -8.32
CA GLY A 613 3.19 -5.30 -7.28
C GLY A 613 3.61 -3.86 -7.40
N HIS A 614 3.94 -3.41 -8.62
CA HIS A 614 4.38 -2.04 -8.78
C HIS A 614 3.24 -1.04 -8.61
N GLU A 615 2.00 -1.48 -8.79
CA GLU A 615 0.87 -0.63 -8.40
C GLU A 615 0.72 -0.59 -6.89
N VAL A 616 0.86 -1.74 -6.22
CA VAL A 616 0.77 -1.77 -4.76
C VAL A 616 1.97 -1.09 -4.13
N PHE A 617 3.16 -1.34 -4.68
CA PHE A 617 4.41 -0.82 -4.12
C PHE A 617 4.93 0.38 -4.90
N GLU A 618 4.02 1.27 -5.31
CA GLU A 618 4.42 2.48 -6.03
C GLU A 618 5.41 3.30 -5.20
N ASN A 619 5.10 3.52 -3.93
CA ASN A 619 5.93 4.33 -3.04
C ASN A 619 6.45 3.46 -1.91
N TYR A 620 7.54 2.74 -2.18
CA TYR A 620 8.21 1.91 -1.20
C TYR A 620 9.72 2.14 -1.34
N PHE A 621 10.47 1.85 -0.28
CA PHE A 621 11.86 2.26 -0.22
C PHE A 621 12.69 1.80 -1.41
N PRO A 622 12.70 0.52 -1.80
CA PRO A 622 13.52 0.14 -2.96
C PRO A 622 13.09 0.84 -4.24
N PHE A 623 11.81 1.21 -4.33
CA PHE A 623 11.28 1.84 -5.53
C PHE A 623 11.13 3.35 -5.41
N GLN A 624 11.08 3.89 -4.19
CA GLN A 624 10.92 5.33 -4.01
C GLN A 624 11.50 5.72 -2.67
N TRP A 625 12.32 6.77 -2.67
CA TRP A 625 12.93 7.28 -1.45
C TRP A 625 12.95 8.80 -1.51
N LYS A 626 13.19 9.41 -0.36
CA LYS A 626 13.25 10.87 -0.29
C LYS A 626 14.45 11.39 -1.09
N LEU A 627 14.21 12.44 -1.85
CA LEU A 627 15.22 13.01 -2.74
C LEU A 627 15.78 14.30 -2.15
N LYS A 628 17.09 14.50 -2.33
CA LYS A 628 17.71 15.74 -1.86
C LYS A 628 17.15 16.95 -2.61
N ASP A 629 16.97 16.82 -3.92
CA ASP A 629 16.40 17.88 -4.75
C ASP A 629 15.21 17.28 -5.50
N ASN A 630 14.01 17.48 -4.97
CA ASN A 630 12.81 16.93 -5.60
C ASN A 630 12.55 17.56 -6.95
N GLN A 631 13.01 18.78 -7.16
CA GLN A 631 12.85 19.48 -8.44
C GLN A 631 14.12 19.32 -9.30
N SER A 632 14.41 18.07 -9.66
CA SER A 632 15.59 17.76 -10.44
C SER A 632 15.29 16.54 -11.32
N HIS A 633 15.61 16.64 -12.61
CA HIS A 633 15.37 15.53 -13.51
C HIS A 633 16.37 14.40 -13.29
N LYS A 634 17.61 14.72 -12.94
CA LYS A 634 18.63 13.70 -12.79
C LYS A 634 18.31 12.75 -11.64
N GLU A 635 17.91 13.29 -10.49
CA GLU A 635 17.65 12.44 -9.34
C GLU A 635 16.39 11.61 -9.53
N HIS A 636 15.32 12.21 -10.09
CA HIS A 636 14.12 11.46 -10.38
C HIS A 636 14.39 10.36 -11.40
N LEU A 637 15.17 10.69 -12.44
CA LEU A 637 15.52 9.69 -13.45
C LEU A 637 16.31 8.54 -12.83
N THR A 638 17.28 8.85 -11.98
CA THR A 638 18.06 7.80 -11.33
C THR A 638 17.17 6.93 -10.45
N GLN A 639 16.27 7.54 -9.69
CA GLN A 639 15.40 6.76 -8.82
C GLN A 639 14.47 5.86 -9.63
N ASN A 640 13.90 6.39 -10.71
CA ASN A 640 13.01 5.58 -11.54
C ASN A 640 13.76 4.45 -12.23
N ILE A 641 14.97 4.71 -12.70
CA ILE A 641 15.77 3.66 -13.33
C ILE A 641 16.14 2.58 -12.31
N VAL A 642 16.49 2.99 -11.09
CA VAL A 642 16.82 2.02 -10.04
C VAL A 642 15.60 1.17 -9.71
N ALA A 643 14.42 1.80 -9.61
CA ALA A 643 13.21 1.06 -9.30
C ALA A 643 12.86 0.07 -10.42
N THR A 644 13.00 0.50 -11.68
CA THR A 644 12.73 -0.40 -12.80
C THR A 644 13.72 -1.57 -12.80
N ALA A 645 14.99 -1.28 -12.56
CA ALA A 645 15.99 -2.35 -12.50
C ALA A 645 15.71 -3.31 -11.36
N LEU A 646 15.23 -2.78 -10.22
CA LEU A 646 14.88 -3.65 -9.10
C LEU A 646 13.67 -4.51 -9.41
N TRP A 647 12.69 -3.98 -10.16
CA TRP A 647 11.57 -4.82 -10.57
C TRP A 647 12.01 -5.90 -11.54
N VAL A 648 12.93 -5.57 -12.45
CA VAL A 648 13.51 -6.59 -13.32
C VAL A 648 14.25 -7.65 -12.52
N LEU A 649 14.96 -7.21 -11.47
CA LEU A 649 15.67 -8.15 -10.61
C LEU A 649 14.71 -9.06 -9.85
N ILE A 650 13.58 -8.50 -9.38
CA ILE A 650 12.57 -9.31 -8.71
C ILE A 650 11.98 -10.33 -9.67
N ALA A 651 11.70 -9.91 -10.91
CA ALA A 651 11.18 -10.84 -11.90
C ALA A 651 12.20 -11.94 -12.19
N TYR A 652 13.48 -11.58 -12.28
CA TYR A 652 14.52 -12.58 -12.49
C TYR A 652 14.61 -13.55 -11.32
N ILE A 653 14.49 -13.05 -10.09
CA ILE A 653 14.54 -13.90 -8.92
C ILE A 653 13.38 -14.89 -8.92
N LEU A 654 12.18 -14.39 -9.25
CA LEU A 654 11.03 -15.29 -9.35
C LEU A 654 11.19 -16.29 -10.48
N TYR A 655 11.83 -15.89 -11.58
CA TYR A 655 12.13 -16.84 -12.65
C TYR A 655 13.07 -17.93 -12.16
N ARG A 656 14.08 -17.56 -11.37
CA ARG A 656 14.99 -18.55 -10.81
C ARG A 656 14.25 -19.51 -9.88
N LYS A 657 13.33 -18.99 -9.08
CA LYS A 657 12.52 -19.80 -8.19
C LYS A 657 11.35 -20.49 -8.89
N LYS A 658 11.20 -20.26 -10.20
CA LYS A 658 10.10 -20.83 -10.99
C LYS A 658 8.73 -20.44 -10.45
N ILE A 659 8.62 -19.22 -9.92
CA ILE A 659 7.37 -18.69 -9.42
C ILE A 659 6.77 -17.84 -10.54
N PHE A 660 5.64 -18.30 -11.08
CA PHE A 660 4.97 -17.61 -12.19
C PHE A 660 3.48 -17.52 -11.84
N TRP A 661 3.10 -16.43 -11.19
CA TRP A 661 1.69 -16.21 -10.88
C TRP A 661 0.92 -15.92 -12.15
N LYS A 662 -0.17 -16.66 -12.35
CA LYS A 662 -1.04 -16.46 -13.51
C LYS A 662 -2.49 -16.49 -13.05
N ILE A 663 -3.31 -15.63 -13.63
CA ILE A 663 -4.70 -15.50 -13.23
C ILE A 663 -5.48 -16.78 -13.50
N LEU B 77 -20.36 15.85 19.00
CA LEU B 77 -19.41 15.18 19.89
C LEU B 77 -18.67 14.07 19.16
N LYS B 78 -17.37 13.97 19.41
CA LYS B 78 -16.57 12.91 18.82
C LYS B 78 -16.81 11.59 19.54
N MET B 79 -16.38 10.50 18.91
CA MET B 79 -16.55 9.18 19.49
C MET B 79 -15.76 9.04 20.78
N ASP B 80 -16.34 8.34 21.75
CA ASP B 80 -15.75 8.17 23.08
C ASP B 80 -15.50 9.52 23.75
N GLN B 81 -16.49 10.41 23.65
CA GLN B 81 -16.43 11.71 24.30
C GLN B 81 -17.83 12.10 24.75
N ALA B 82 -17.90 12.82 25.87
CA ALA B 82 -19.17 13.23 26.46
C ALA B 82 -19.16 14.73 26.70
N LEU B 83 -20.28 15.37 26.38
CA LEU B 83 -20.42 16.79 26.67
C LEU B 83 -20.58 17.02 28.16
N LEU B 84 -20.10 18.16 28.63
CA LEU B 84 -20.18 18.52 30.05
C LEU B 84 -20.29 20.04 30.14
N LEU B 85 -21.49 20.52 30.44
CA LEU B 85 -21.75 21.94 30.61
C LEU B 85 -21.70 22.27 32.09
N ILE B 86 -20.66 23.02 32.48
CA ILE B 86 -20.49 23.43 33.87
C ILE B 86 -21.16 24.79 34.07
N HIS B 87 -22.19 24.81 34.90
CA HIS B 87 -22.95 26.03 35.19
C HIS B 87 -22.46 26.58 36.53
N ASN B 88 -21.65 27.64 36.47
CA ASN B 88 -21.08 28.26 37.64
C ASN B 88 -21.92 29.50 38.00
N GLU B 89 -22.69 29.42 39.07
CA GLU B 89 -23.53 30.51 39.53
C GLU B 89 -22.90 31.33 40.65
N LEU B 90 -21.65 31.04 41.01
CA LEU B 90 -21.00 31.77 42.10
C LEU B 90 -20.77 33.21 41.71
N LEU B 91 -21.18 34.12 42.60
CA LEU B 91 -21.13 35.55 42.27
C LEU B 91 -19.70 36.09 42.33
N TRP B 92 -18.93 35.70 43.33
CA TRP B 92 -17.61 36.27 43.58
C TRP B 92 -16.58 35.17 43.79
N THR B 93 -16.60 34.16 42.93
CA THR B 93 -15.63 33.08 43.00
C THR B 93 -15.49 32.47 41.61
N ASN B 94 -14.35 32.69 40.97
CA ASN B 94 -14.10 32.08 39.67
C ASN B 94 -13.76 30.60 39.84
N LEU B 95 -13.99 29.84 38.77
CA LEU B 95 -13.69 28.42 38.77
C LEU B 95 -12.93 28.02 37.52
N THR B 96 -12.05 27.03 37.67
CA THR B 96 -11.44 26.32 36.57
C THR B 96 -11.60 24.83 36.81
N VAL B 97 -11.76 24.06 35.74
CA VAL B 97 -12.10 22.64 35.83
C VAL B 97 -10.88 21.84 35.39
N TYR B 98 -10.45 20.93 36.27
CA TYR B 98 -9.32 20.06 36.01
C TYR B 98 -9.83 18.64 35.83
N TRP B 99 -9.47 18.01 34.72
CA TRP B 99 -9.94 16.67 34.38
C TRP B 99 -8.76 15.72 34.33
N LYS B 100 -8.88 14.60 35.05
CA LYS B 100 -7.86 13.55 35.03
C LYS B 100 -8.57 12.20 34.95
N SER B 101 -8.11 11.35 34.04
CA SER B 101 -8.75 10.06 33.83
C SER B 101 -8.46 9.12 35.00
N GLU B 102 -9.30 8.09 35.13
CA GLU B 102 -9.12 7.12 36.20
C GLU B 102 -7.97 6.16 35.93
N CYS B 103 -7.64 5.92 34.66
CA CYS B 103 -6.54 5.02 34.34
C CYS B 103 -5.17 5.63 34.63
N CYS B 104 -5.08 6.95 34.71
CA CYS B 104 -3.84 7.60 35.10
C CYS B 104 -3.45 7.20 36.52
N TYR B 105 -2.34 6.48 36.67
CA TYR B 105 -1.88 6.03 37.98
C TYR B 105 -1.55 7.22 38.87
N HIS B 106 -0.52 7.98 38.51
CA HIS B 106 -0.19 9.23 39.17
C HIS B 106 -0.11 10.28 38.08
N CYS B 107 -1.14 11.12 37.99
CA CYS B 107 -1.36 11.91 36.80
C CYS B 107 -1.64 13.35 37.20
N LEU B 108 -1.16 14.29 36.39
CA LEU B 108 -1.46 15.69 36.63
C LEU B 108 -2.90 16.00 36.25
N PHE B 109 -3.52 16.89 37.03
CA PHE B 109 -4.86 17.34 36.71
C PHE B 109 -4.83 18.30 35.52
N GLN B 110 -5.00 17.76 34.32
CA GLN B 110 -4.99 18.59 33.12
C GLN B 110 -6.21 19.51 33.11
N VAL B 111 -5.99 20.77 32.73
CA VAL B 111 -7.09 21.71 32.68
C VAL B 111 -8.09 21.30 31.61
N LEU B 112 -9.35 21.62 31.83
CA LEU B 112 -10.43 21.25 30.92
C LEU B 112 -11.09 22.48 30.30
N VAL B 113 -11.60 23.39 31.13
CA VAL B 113 -12.22 24.61 30.65
C VAL B 113 -12.30 25.58 31.83
N ASN B 114 -12.40 26.86 31.53
CA ASN B 114 -12.52 27.91 32.53
C ASN B 114 -13.93 28.47 32.49
N VAL B 115 -14.63 28.43 33.61
CA VAL B 115 -15.99 28.93 33.74
C VAL B 115 -15.94 30.23 34.53
N PRO B 116 -16.25 31.37 33.92
CA PRO B 116 -16.24 32.64 34.67
C PRO B 116 -17.41 32.72 35.65
N GLN B 117 -17.28 33.65 36.58
CA GLN B 117 -18.34 33.86 37.57
C GLN B 117 -19.57 34.45 36.91
N SER B 118 -20.69 34.34 37.62
CA SER B 118 -21.96 34.84 37.09
C SER B 118 -21.95 36.35 37.03
N PRO B 119 -22.16 36.97 35.86
CA PRO B 119 -22.19 38.43 35.79
C PRO B 119 -23.27 39.07 36.65
N LYS B 120 -24.41 38.41 36.79
CA LYS B 120 -25.51 38.93 37.59
C LYS B 120 -26.09 37.81 38.44
N ALA B 121 -26.75 38.19 39.54
CA ALA B 121 -27.36 37.22 40.42
C ALA B 121 -28.47 36.47 39.69
N GLY B 122 -28.48 35.14 39.85
CA GLY B 122 -29.47 34.32 39.19
C GLY B 122 -29.21 34.03 37.74
N LYS B 123 -28.07 34.46 37.20
CA LYS B 123 -27.72 34.27 35.79
C LYS B 123 -26.34 33.63 35.72
N PRO B 124 -26.26 32.32 35.90
CA PRO B 124 -24.94 31.64 35.88
C PRO B 124 -24.31 31.71 34.51
N SER B 125 -22.97 31.72 34.50
CA SER B 125 -22.19 31.66 33.28
C SER B 125 -21.68 30.25 33.07
N ALA B 126 -21.81 29.75 31.84
CA ALA B 126 -21.52 28.35 31.53
C ALA B 126 -20.51 28.25 30.41
N ALA B 127 -19.83 27.10 30.37
CA ALA B 127 -18.89 26.78 29.30
C ALA B 127 -19.11 25.33 28.90
N ALA B 128 -18.72 25.02 27.67
CA ALA B 128 -18.92 23.69 27.10
C ALA B 128 -17.59 22.94 27.09
N ALA B 129 -17.61 21.71 27.63
CA ALA B 129 -16.43 20.86 27.68
C ALA B 129 -16.78 19.48 27.19
N SER B 130 -15.78 18.79 26.63
CA SER B 130 -15.95 17.45 26.08
C SER B 130 -15.02 16.51 26.85
N VAL B 131 -15.54 15.91 27.91
CA VAL B 131 -14.77 14.99 28.74
C VAL B 131 -14.73 13.62 28.08
N SER B 132 -13.54 13.03 28.02
CA SER B 132 -13.41 11.68 27.49
C SER B 132 -14.12 10.68 28.39
N THR B 133 -14.84 9.75 27.77
CA THR B 133 -15.65 8.77 28.48
C THR B 133 -15.16 7.35 28.28
N GLN B 134 -13.89 7.17 27.91
CA GLN B 134 -13.36 5.83 27.71
C GLN B 134 -13.38 5.03 29.00
N HIS B 135 -12.81 5.59 30.07
CA HIS B 135 -12.79 4.91 31.37
C HIS B 135 -12.58 5.95 32.46
N GLY B 136 -13.62 6.21 33.24
CA GLY B 136 -13.52 7.07 34.40
C GLY B 136 -13.26 8.54 34.09
N SER B 137 -13.51 9.40 35.07
CA SER B 137 -13.25 10.83 34.93
C SER B 137 -13.25 11.45 36.31
N ILE B 138 -12.15 12.12 36.67
CA ILE B 138 -12.02 12.81 37.94
C ILE B 138 -11.94 14.30 37.65
N LEU B 139 -12.90 15.07 38.16
CA LEU B 139 -12.97 16.50 37.95
C LEU B 139 -12.73 17.23 39.27
N GLN B 140 -11.78 18.16 39.26
CA GLN B 140 -11.52 19.02 40.40
C GLN B 140 -11.71 20.46 39.96
N LEU B 141 -12.63 21.17 40.62
CA LEU B 141 -12.94 22.55 40.28
C LEU B 141 -12.23 23.46 41.28
N ASN B 142 -11.20 24.15 40.81
CA ASN B 142 -10.37 24.99 41.65
C ASN B 142 -10.66 26.46 41.39
N ASP B 143 -10.76 27.24 42.46
CA ASP B 143 -10.88 28.69 42.33
C ASP B 143 -9.57 29.26 41.81
N THR B 144 -9.65 30.09 40.77
CA THR B 144 -8.44 30.62 40.17
C THR B 144 -7.83 31.75 41.01
N LEU B 145 -8.67 32.58 41.62
CA LEU B 145 -8.16 33.67 42.45
C LEU B 145 -7.39 33.12 43.65
N GLU B 146 -7.92 32.09 44.30
CA GLU B 146 -7.25 31.40 45.38
C GLU B 146 -7.34 29.90 45.11
N GLU B 147 -6.19 29.26 44.89
CA GLU B 147 -6.16 27.87 44.43
C GLU B 147 -6.56 26.96 45.58
N LYS B 148 -7.87 26.84 45.77
CA LYS B 148 -8.45 25.96 46.77
C LYS B 148 -9.48 25.05 46.11
N GLU B 149 -9.64 23.86 46.67
CA GLU B 149 -10.57 22.87 46.11
C GLU B 149 -11.99 23.28 46.46
N VAL B 150 -12.67 23.93 45.51
CA VAL B 150 -14.06 24.31 45.71
C VAL B 150 -14.93 23.07 45.85
N CYS B 151 -14.76 22.12 44.94
CA CYS B 151 -15.46 20.85 45.01
C CYS B 151 -14.77 19.86 44.08
N ARG B 152 -15.04 18.58 44.29
CA ARG B 152 -14.49 17.51 43.49
C ARG B 152 -15.60 16.54 43.09
N LEU B 153 -15.44 15.96 41.91
CA LEU B 153 -16.40 14.99 41.39
C LEU B 153 -15.66 13.81 40.78
N GLU B 154 -16.08 12.60 41.14
CA GLU B 154 -15.53 11.36 40.57
C GLU B 154 -16.70 10.62 39.93
N TYR B 155 -16.98 10.96 38.67
CA TYR B 155 -18.12 10.41 37.94
C TYR B 155 -17.65 9.82 36.62
N ARG B 156 -18.26 8.72 36.23
CA ARG B 156 -17.94 8.03 34.98
C ARG B 156 -18.96 8.47 33.94
N PHE B 157 -18.53 9.35 33.04
CA PHE B 157 -19.42 9.84 32.00
C PHE B 157 -19.65 8.77 30.93
N GLY B 158 -20.82 8.81 30.31
CA GLY B 158 -21.14 7.93 29.21
C GLY B 158 -21.04 8.65 27.88
N GLU B 159 -20.87 7.85 26.82
CA GLU B 159 -20.67 8.41 25.49
C GLU B 159 -21.89 9.22 25.05
N PHE B 160 -21.61 10.39 24.44
CA PHE B 160 -22.64 11.26 23.88
C PHE B 160 -23.69 11.66 24.91
N GLY B 161 -23.21 12.07 26.09
CA GLY B 161 -24.08 12.57 27.14
C GLY B 161 -24.18 14.08 27.11
N ASN B 162 -24.91 14.62 28.09
CA ASN B 162 -25.07 16.05 28.25
C ASN B 162 -24.42 16.56 29.53
N TYR B 163 -24.82 16.02 30.69
CA TYR B 163 -24.13 16.23 31.97
C TYR B 163 -23.99 17.72 32.30
N SER B 164 -25.15 18.35 32.51
CA SER B 164 -25.18 19.74 32.95
C SER B 164 -24.74 19.81 34.41
N LEU B 165 -23.50 20.25 34.63
CA LEU B 165 -22.94 20.35 35.97
C LEU B 165 -23.20 21.75 36.52
N LEU B 166 -23.85 21.82 37.67
CA LEU B 166 -24.17 23.08 38.32
C LEU B 166 -23.30 23.24 39.56
N VAL B 167 -22.59 24.37 39.63
CA VAL B 167 -21.75 24.69 40.78
C VAL B 167 -22.38 25.88 41.49
N LYS B 168 -22.77 25.68 42.75
CA LYS B 168 -23.46 26.70 43.52
C LYS B 168 -23.19 26.48 44.99
N ASN B 169 -23.44 27.53 45.78
CA ASN B 169 -23.31 27.46 47.23
C ASN B 169 -24.66 27.14 47.85
N ILE B 170 -24.64 26.33 48.90
CA ILE B 170 -25.88 25.93 49.57
C ILE B 170 -26.52 27.15 50.23
N HIS B 171 -27.81 27.34 49.99
CA HIS B 171 -28.52 28.51 50.51
C HIS B 171 -28.77 28.43 52.00
N ASN B 172 -28.47 27.30 52.65
CA ASN B 172 -28.69 27.18 54.08
C ASN B 172 -27.85 28.19 54.86
N GLY B 173 -26.60 28.36 54.48
CA GLY B 173 -25.73 29.30 55.15
C GLY B 173 -24.92 30.16 54.19
N VAL B 174 -25.05 29.88 52.90
CA VAL B 174 -24.34 30.61 51.84
C VAL B 174 -22.84 30.52 52.04
N SER B 175 -22.38 29.46 52.70
CA SER B 175 -20.97 29.23 52.95
C SER B 175 -20.45 27.96 52.28
N GLU B 176 -21.10 26.82 52.52
CA GLU B 176 -20.69 25.58 51.90
C GLU B 176 -21.01 25.60 50.41
N ILE B 177 -20.08 25.10 49.60
CA ILE B 177 -20.24 25.08 48.15
C ILE B 177 -20.22 23.62 47.71
N ALA B 178 -21.28 23.22 46.99
CA ALA B 178 -21.40 21.86 46.49
C ALA B 178 -21.79 21.89 45.02
N CYS B 179 -21.16 21.04 44.23
CA CYS B 179 -21.45 20.92 42.80
C CYS B 179 -22.16 19.60 42.56
N ASP B 180 -23.36 19.67 42.00
CA ASP B 180 -24.16 18.49 41.70
C ASP B 180 -24.18 18.26 40.19
N LEU B 181 -23.93 17.03 39.78
CA LEU B 181 -23.86 16.66 38.37
C LEU B 181 -25.13 15.90 38.00
N ALA B 182 -25.90 16.45 37.07
CA ALA B 182 -27.12 15.84 36.58
C ALA B 182 -27.03 15.63 35.07
N VAL B 183 -27.61 14.54 34.60
CA VAL B 183 -27.57 14.17 33.19
C VAL B 183 -28.91 14.49 32.56
N ASN B 184 -28.88 15.15 31.40
CA ASN B 184 -30.10 15.50 30.66
C ASN B 184 -30.31 14.57 29.47
N GLU B 185 -29.29 14.41 28.63
CA GLU B 185 -29.32 13.44 27.54
C GLU B 185 -28.65 12.16 28.04
N ASP B 186 -29.41 11.06 28.06
CA ASP B 186 -28.89 9.80 28.57
C ASP B 186 -27.72 9.33 27.70
N PRO B 187 -26.72 8.68 28.29
CA PRO B 187 -25.54 8.28 27.52
C PRO B 187 -25.91 7.30 26.41
N VAL B 188 -25.25 7.45 25.26
CA VAL B 188 -25.36 6.50 24.17
C VAL B 188 -24.40 5.36 24.47
N ASP B 189 -24.94 4.18 24.77
CA ASP B 189 -24.11 3.05 25.15
C ASP B 189 -23.11 2.72 24.05
N SER B 190 -21.86 2.46 24.45
CA SER B 190 -20.79 2.13 23.52
C SER B 190 -20.21 0.74 23.77
N ASN B 191 -19.81 0.45 25.01
CA ASN B 191 -19.18 -0.83 25.30
C ASN B 191 -20.16 -1.98 25.16
N LEU B 192 -21.37 -1.83 25.68
CA LEU B 192 -22.33 -2.93 25.63
C LEU B 192 -23.62 -2.48 24.96
N PRO B 193 -23.55 -1.75 23.85
CA PRO B 193 -24.77 -1.53 23.05
C PRO B 193 -24.87 -2.57 21.94
N VAL B 194 -23.76 -3.26 21.69
CA VAL B 194 -23.70 -4.26 20.63
C VAL B 194 -23.78 -5.65 21.24
N SER B 195 -22.81 -5.99 22.10
CA SER B 195 -22.83 -7.24 22.85
C SER B 195 -22.93 -8.48 21.96
N ILE B 196 -23.16 -9.63 22.60
CA ILE B 196 -23.29 -10.89 21.87
C ILE B 196 -24.47 -10.84 20.90
N ALA B 197 -25.47 -10.02 21.20
CA ALA B 197 -26.61 -9.87 20.30
C ALA B 197 -26.16 -9.41 18.91
N PHE B 198 -25.55 -8.22 18.85
CA PHE B 198 -25.05 -7.71 17.58
C PHE B 198 -23.93 -8.60 17.03
N LEU B 199 -23.12 -9.21 17.89
CA LEU B 199 -22.06 -10.09 17.39
C LEU B 199 -22.65 -11.26 16.60
N ILE B 200 -23.62 -11.96 17.18
CA ILE B 200 -24.23 -13.09 16.49
C ILE B 200 -25.06 -12.61 15.31
N GLY B 201 -25.67 -11.43 15.39
CA GLY B 201 -26.39 -10.90 14.24
C GLY B 201 -25.47 -10.64 13.06
N LEU B 202 -24.32 -10.03 13.31
CA LEU B 202 -23.35 -9.78 12.25
C LEU B 202 -22.78 -11.09 11.71
N ALA B 203 -22.52 -12.06 12.60
CA ALA B 203 -22.05 -13.37 12.12
C ALA B 203 -23.07 -14.03 11.21
N VAL B 204 -24.35 -14.00 11.60
CA VAL B 204 -25.40 -14.57 10.77
C VAL B 204 -25.49 -13.84 9.44
N ILE B 205 -25.39 -12.50 9.47
CA ILE B 205 -25.50 -11.72 8.26
C ILE B 205 -24.37 -12.05 7.29
N ILE B 206 -23.14 -12.12 7.79
CA ILE B 206 -22.00 -12.40 6.92
C ILE B 206 -22.06 -13.84 6.41
N VAL B 207 -22.53 -14.77 7.24
CA VAL B 207 -22.67 -16.15 6.78
C VAL B 207 -23.71 -16.25 5.68
N ILE B 208 -24.84 -15.56 5.85
CA ILE B 208 -25.89 -15.57 4.82
C ILE B 208 -25.38 -14.94 3.53
N SER B 209 -24.64 -13.83 3.64
CA SER B 209 -24.09 -13.20 2.45
C SER B 209 -23.10 -14.11 1.74
N PHE B 210 -22.25 -14.80 2.51
CA PHE B 210 -21.30 -15.73 1.91
C PHE B 210 -22.02 -16.88 1.22
N LEU B 211 -23.08 -17.41 1.84
CA LEU B 211 -23.84 -18.50 1.22
C LEU B 211 -24.52 -18.02 -0.06
N ARG B 212 -25.07 -16.80 -0.04
CA ARG B 212 -25.72 -16.25 -1.23
C ARG B 212 -24.70 -16.05 -2.35
N LEU B 213 -23.52 -15.55 -2.02
CA LEU B 213 -22.48 -15.37 -3.03
C LEU B 213 -22.04 -16.72 -3.61
N LEU B 214 -21.89 -17.73 -2.75
CA LEU B 214 -21.53 -19.07 -3.23
C LEU B 214 -22.60 -19.64 -4.15
N LEU B 215 -23.88 -19.45 -3.79
CA LEU B 215 -24.96 -19.94 -4.62
C LEU B 215 -25.02 -19.20 -5.95
N SER B 216 -24.75 -17.90 -5.94
CA SER B 216 -24.75 -17.13 -7.18
C SER B 216 -23.65 -17.59 -8.13
N LEU B 217 -22.50 -18.02 -7.59
CA LEU B 217 -21.44 -18.55 -8.44
C LEU B 217 -21.90 -19.82 -9.15
N ASP B 218 -22.62 -20.69 -8.43
CA ASP B 218 -23.16 -21.89 -9.07
C ASP B 218 -24.25 -21.55 -10.08
N ASP B 219 -24.98 -20.45 -9.85
CA ASP B 219 -26.01 -20.04 -10.81
C ASP B 219 -25.41 -19.58 -12.12
N PHE B 220 -24.23 -18.95 -12.07
CA PHE B 220 -23.56 -18.49 -13.29
C PHE B 220 -22.82 -19.61 -14.01
N ASN B 221 -22.76 -20.79 -13.43
CA ASN B 221 -22.08 -21.94 -14.04
C ASN B 221 -23.05 -23.00 -14.53
N ASN B 222 -23.99 -23.43 -13.69
CA ASN B 222 -24.95 -24.46 -14.06
C ASN B 222 -26.29 -23.89 -14.50
N TRP B 223 -26.76 -22.82 -13.86
CA TRP B 223 -28.05 -22.22 -14.18
C TRP B 223 -27.95 -21.09 -15.20
N ILE B 224 -26.75 -20.79 -15.69
CA ILE B 224 -26.60 -19.72 -16.67
C ILE B 224 -27.33 -20.07 -17.97
N SER B 225 -27.18 -21.30 -18.44
CA SER B 225 -27.81 -21.75 -19.67
C SER B 225 -27.90 -23.27 -19.63
N LYS B 226 -28.46 -23.85 -20.69
CA LYS B 226 -28.58 -25.30 -20.77
C LYS B 226 -27.21 -25.97 -20.88
N ALA B 227 -26.27 -25.34 -21.57
CA ALA B 227 -24.92 -25.86 -21.75
C ALA B 227 -24.92 -27.28 -22.31
N PRO B 265 6.75 -36.25 10.36
CA PRO B 265 6.55 -35.06 11.19
C PRO B 265 5.27 -34.31 10.85
N PRO B 266 4.11 -34.85 11.24
CA PRO B 266 2.86 -34.18 10.95
C PRO B 266 2.72 -32.88 11.72
N ARG B 267 2.00 -31.93 11.11
CA ARG B 267 1.78 -30.64 11.76
C ARG B 267 0.78 -30.79 12.90
N LEU B 268 1.01 -30.00 13.96
CA LEU B 268 0.25 -30.18 15.19
C LEU B 268 -1.22 -29.82 15.02
N ARG B 269 -1.49 -28.65 14.45
CA ARG B 269 -2.78 -27.97 14.31
C ARG B 269 -3.24 -27.37 15.65
N SER B 270 -2.61 -27.72 16.77
CA SER B 270 -2.89 -27.00 18.02
C SER B 270 -2.07 -25.72 18.11
N VAL B 271 -0.78 -25.80 17.80
CA VAL B 271 0.02 -24.60 17.62
C VAL B 271 -0.56 -23.76 16.48
N ASP B 272 -1.05 -24.42 15.43
CA ASP B 272 -1.68 -23.69 14.33
C ASP B 272 -2.95 -22.97 14.80
N THR B 273 -3.76 -23.64 15.63
CA THR B 273 -4.96 -22.98 16.14
C THR B 273 -4.62 -21.80 17.05
N PHE B 274 -3.60 -21.96 17.90
CA PHE B 274 -3.17 -20.85 18.75
C PHE B 274 -2.67 -19.68 17.91
N ARG B 275 -1.84 -19.97 16.90
CA ARG B 275 -1.35 -18.91 16.03
C ARG B 275 -2.48 -18.27 15.24
N GLY B 276 -3.50 -19.03 14.86
CA GLY B 276 -4.64 -18.46 14.16
C GLY B 276 -5.47 -17.56 15.05
N ILE B 277 -5.65 -17.95 16.32
CA ILE B 277 -6.33 -17.08 17.28
C ILE B 277 -5.56 -15.78 17.44
N ALA B 278 -4.23 -15.88 17.57
CA ALA B 278 -3.40 -14.69 17.67
C ALA B 278 -3.52 -13.82 16.42
N LEU B 279 -3.55 -14.45 15.24
CA LEU B 279 -3.65 -13.70 14.00
C LEU B 279 -5.01 -13.01 13.86
N ILE B 280 -6.09 -13.68 14.25
CA ILE B 280 -7.40 -13.06 14.20
C ILE B 280 -7.47 -11.87 15.14
N LEU B 281 -6.95 -12.03 16.36
CA LEU B 281 -6.92 -10.92 17.30
C LEU B 281 -6.08 -9.77 16.77
N MET B 282 -4.93 -10.09 16.15
CA MET B 282 -4.05 -9.07 15.61
C MET B 282 -4.70 -8.31 14.47
N VAL B 283 -5.38 -9.02 13.56
CA VAL B 283 -6.06 -8.36 12.45
C VAL B 283 -7.19 -7.48 12.97
N PHE B 284 -7.90 -7.95 14.01
CA PHE B 284 -8.99 -7.15 14.56
C PHE B 284 -8.46 -5.88 15.23
N VAL B 285 -7.42 -6.01 16.06
CA VAL B 285 -6.98 -4.86 16.85
C VAL B 285 -6.06 -3.93 16.08
N ASN B 286 -5.38 -4.41 15.04
CA ASN B 286 -4.53 -3.54 14.24
C ASN B 286 -5.36 -2.65 13.32
N TYR B 287 -6.48 -3.15 12.83
CA TYR B 287 -7.38 -2.36 12.01
C TYR B 287 -8.18 -1.34 12.83
N GLY B 288 -8.13 -1.42 14.15
CA GLY B 288 -8.85 -0.49 15.00
C GLY B 288 -9.56 -1.16 16.15
N GLY B 289 -10.03 -2.39 15.92
CA GLY B 289 -10.76 -3.11 16.95
C GLY B 289 -12.06 -2.44 17.34
N GLY B 290 -12.73 -1.81 16.39
CA GLY B 290 -13.92 -1.04 16.69
C GLY B 290 -13.64 0.29 17.35
N LYS B 291 -12.38 0.71 17.39
CA LYS B 291 -11.94 1.92 18.08
C LYS B 291 -12.22 1.87 19.57
N TYR B 292 -12.47 0.68 20.11
CA TYR B 292 -12.68 0.52 21.54
C TYR B 292 -11.36 0.63 22.29
N TRP B 293 -11.44 1.17 23.51
CA TRP B 293 -10.23 1.39 24.29
C TRP B 293 -9.59 0.10 24.77
N TYR B 294 -10.36 -0.97 24.90
CA TYR B 294 -9.82 -2.25 25.36
C TYR B 294 -9.39 -3.15 24.20
N PHE B 295 -9.55 -2.72 22.96
CA PHE B 295 -9.06 -3.44 21.80
C PHE B 295 -7.83 -2.78 21.19
N LYS B 296 -7.18 -1.89 21.93
CA LYS B 296 -5.92 -1.28 21.54
C LYS B 296 -4.92 -1.44 22.66
N HIS B 297 -3.66 -1.15 22.36
CA HIS B 297 -2.61 -1.29 23.37
C HIS B 297 -2.84 -0.33 24.52
N ALA B 298 -2.68 -0.84 25.74
CA ALA B 298 -2.89 -0.03 26.93
C ALA B 298 -1.87 1.10 27.00
N SER B 299 -2.29 2.22 27.59
CA SER B 299 -1.40 3.36 27.79
C SER B 299 -0.41 3.00 28.88
N TRP B 300 0.77 2.52 28.48
CA TRP B 300 1.83 2.08 29.38
C TRP B 300 1.34 0.87 30.16
N ASN B 301 1.17 0.94 31.47
CA ASN B 301 0.94 -0.23 32.30
C ASN B 301 -0.41 -0.86 32.00
N GLY B 302 -0.56 -2.10 32.43
CA GLY B 302 -1.80 -2.84 32.31
C GLY B 302 -1.80 -3.78 31.11
N LEU B 303 -2.88 -4.55 31.03
CA LEU B 303 -3.05 -5.57 30.00
C LEU B 303 -4.40 -5.38 29.33
N THR B 304 -4.41 -5.36 28.00
CA THR B 304 -5.63 -5.28 27.22
C THR B 304 -5.67 -6.45 26.24
N VAL B 305 -6.70 -6.45 25.38
CA VAL B 305 -6.84 -7.53 24.41
C VAL B 305 -5.74 -7.45 23.35
N ALA B 306 -5.37 -6.24 22.95
CA ALA B 306 -4.35 -6.09 21.91
C ALA B 306 -2.96 -6.42 22.43
N ASP B 307 -2.74 -6.31 23.75
CA ASP B 307 -1.43 -6.58 24.31
C ASP B 307 -1.11 -8.07 24.37
N LEU B 308 -2.12 -8.94 24.22
CA LEU B 308 -1.92 -10.37 24.31
C LEU B 308 -1.37 -10.99 23.03
N VAL B 309 -1.38 -10.26 21.92
CA VAL B 309 -1.14 -10.86 20.61
C VAL B 309 0.35 -11.13 20.40
N PHE B 310 1.17 -10.08 20.47
CA PHE B 310 2.59 -10.22 20.16
C PHE B 310 3.32 -11.21 21.06
N PRO B 311 3.16 -11.20 22.39
CA PRO B 311 3.79 -12.25 23.20
C PRO B 311 3.35 -13.65 22.83
N TRP B 312 2.08 -13.84 22.48
CA TRP B 312 1.64 -15.15 22.02
C TRP B 312 2.31 -15.52 20.71
N PHE B 313 2.53 -14.54 19.84
CA PHE B 313 3.26 -14.81 18.60
C PHE B 313 4.70 -15.22 18.88
N VAL B 314 5.35 -14.58 19.85
CA VAL B 314 6.72 -14.96 20.20
C VAL B 314 6.75 -16.35 20.82
N PHE B 315 5.79 -16.65 21.67
CA PHE B 315 5.69 -17.97 22.29
C PHE B 315 5.52 -19.05 21.23
N ILE B 316 4.59 -18.83 20.30
CA ILE B 316 4.35 -19.79 19.23
C ILE B 316 5.55 -19.89 18.31
N MET B 317 6.25 -18.77 18.09
CA MET B 317 7.47 -18.79 17.29
C MET B 317 8.52 -19.66 17.93
N GLY B 318 8.69 -19.57 19.24
CA GLY B 318 9.64 -20.43 19.93
C GLY B 318 9.25 -21.90 19.86
N SER B 319 7.97 -22.19 20.08
CA SER B 319 7.50 -23.57 19.98
C SER B 319 7.77 -24.14 18.59
N SER B 320 7.42 -23.38 17.56
CA SER B 320 7.66 -23.81 16.19
C SER B 320 9.15 -23.90 15.88
N ILE B 321 9.95 -23.03 16.49
CA ILE B 321 11.40 -23.12 16.33
C ILE B 321 11.89 -24.48 16.80
N PHE B 322 11.48 -24.89 18.00
CA PHE B 322 11.92 -26.18 18.51
C PHE B 322 11.39 -27.31 17.65
N LEU B 323 10.11 -27.25 17.28
CA LEU B 323 9.52 -28.33 16.49
C LEU B 323 10.24 -28.51 15.16
N SER B 324 10.38 -27.42 14.40
CA SER B 324 11.03 -27.49 13.10
C SER B 324 12.49 -27.88 13.23
N MET B 325 13.20 -27.31 14.20
CA MET B 325 14.62 -27.62 14.37
C MET B 325 14.82 -29.10 14.66
N THR B 326 14.05 -29.64 15.61
CA THR B 326 14.24 -31.04 15.97
C THR B 326 13.77 -31.98 14.87
N SER B 327 12.72 -31.62 14.11
CA SER B 327 12.33 -32.45 12.98
C SER B 327 13.42 -32.47 11.92
N ILE B 328 13.96 -31.30 11.59
CA ILE B 328 15.01 -31.21 10.57
C ILE B 328 16.23 -32.00 11.01
N LEU B 329 16.63 -31.90 12.27
CA LEU B 329 17.76 -32.67 12.75
C LEU B 329 17.47 -34.16 12.84
N GLN B 330 16.21 -34.55 13.06
CA GLN B 330 15.88 -35.96 13.16
C GLN B 330 15.88 -36.64 11.80
N ARG B 331 15.33 -35.99 10.78
CA ARG B 331 15.46 -36.53 9.42
C ARG B 331 16.91 -36.51 8.97
N GLY B 332 17.49 -35.33 8.87
CA GLY B 332 18.92 -35.18 8.65
C GLY B 332 19.27 -33.85 8.03
N CYS B 333 20.32 -33.21 8.55
CA CYS B 333 20.80 -31.94 8.05
C CYS B 333 22.07 -31.57 8.78
N SER B 334 22.97 -30.88 8.09
CA SER B 334 24.15 -30.32 8.72
C SER B 334 23.75 -29.08 9.51
N LYS B 335 24.23 -28.97 10.75
CA LYS B 335 23.88 -27.83 11.59
C LYS B 335 24.32 -26.51 10.97
N PHE B 336 25.33 -26.52 10.12
CA PHE B 336 25.73 -25.30 9.42
C PHE B 336 24.66 -24.89 8.40
N ARG B 337 24.06 -25.86 7.71
CA ARG B 337 22.97 -25.54 6.78
C ARG B 337 21.77 -24.96 7.52
N LEU B 338 21.41 -25.56 8.66
CA LEU B 338 20.31 -25.04 9.44
C LEU B 338 20.63 -23.66 10.01
N LEU B 339 21.88 -23.43 10.40
CA LEU B 339 22.29 -22.11 10.85
C LEU B 339 22.18 -21.08 9.73
N GLY B 340 22.57 -21.46 8.52
CA GLY B 340 22.40 -20.57 7.39
C GLY B 340 20.94 -20.26 7.11
N LYS B 341 20.08 -21.27 7.21
CA LYS B 341 18.64 -21.04 7.04
C LYS B 341 18.11 -20.10 8.12
N ILE B 342 18.54 -20.30 9.36
CA ILE B 342 18.09 -19.43 10.46
C ILE B 342 18.53 -18.00 10.22
N ALA B 343 19.79 -17.81 9.84
CA ALA B 343 20.30 -16.46 9.60
C ALA B 343 19.57 -15.81 8.42
N TRP B 344 19.34 -16.56 7.35
CA TRP B 344 18.65 -16.01 6.19
C TRP B 344 17.22 -15.63 6.52
N ARG B 345 16.52 -16.49 7.26
CA ARG B 345 15.14 -16.18 7.64
C ARG B 345 15.07 -14.97 8.57
N SER B 346 15.98 -14.89 9.54
CA SER B 346 16.00 -13.73 10.44
C SER B 346 16.30 -12.45 9.69
N PHE B 347 17.26 -12.49 8.76
CA PHE B 347 17.58 -11.33 7.96
C PHE B 347 16.39 -10.91 7.10
N LEU B 348 15.70 -11.89 6.51
CA LEU B 348 14.52 -11.57 5.71
C LEU B 348 13.42 -10.96 6.57
N LEU B 349 13.22 -11.49 7.78
CA LEU B 349 12.20 -10.92 8.66
C LEU B 349 12.52 -9.48 9.01
N ILE B 350 13.79 -9.21 9.36
CA ILE B 350 14.19 -7.85 9.72
C ILE B 350 14.02 -6.91 8.54
N CYS B 351 14.47 -7.34 7.35
CA CYS B 351 14.36 -6.50 6.17
C CYS B 351 12.91 -6.26 5.79
N ILE B 352 12.06 -7.29 5.87
CA ILE B 352 10.64 -7.13 5.56
C ILE B 352 10.02 -6.12 6.51
N GLY B 353 10.29 -6.27 7.81
CA GLY B 353 9.83 -5.29 8.77
C GLY B 353 10.21 -3.89 8.36
N ILE B 354 11.52 -3.64 8.24
CA ILE B 354 12.02 -2.30 8.00
C ILE B 354 11.45 -1.72 6.71
N ILE B 355 11.32 -2.55 5.67
CA ILE B 355 10.99 -2.01 4.36
C ILE B 355 9.49 -1.86 4.18
N ILE B 356 8.71 -2.91 4.41
CA ILE B 356 7.30 -2.90 4.06
C ILE B 356 6.37 -2.84 5.27
N VAL B 357 6.83 -3.18 6.47
CA VAL B 357 5.92 -3.30 7.60
C VAL B 357 5.92 -2.04 8.45
N ASN B 358 7.10 -1.51 8.80
CA ASN B 358 7.15 -0.36 9.70
C ASN B 358 6.67 0.93 9.04
N PRO B 359 7.25 1.39 7.93
CA PRO B 359 6.95 2.75 7.47
C PRO B 359 5.51 2.91 7.01
N ASN B 360 4.99 4.12 7.23
CA ASN B 360 3.69 4.53 6.71
C ASN B 360 3.95 5.32 5.44
N TYR B 361 3.77 4.65 4.29
CA TYR B 361 4.13 5.24 3.02
C TYR B 361 3.07 6.20 2.48
N CYS B 362 1.92 6.30 3.14
CA CYS B 362 0.92 7.28 2.75
C CYS B 362 1.33 8.70 3.10
N LEU B 363 2.35 8.88 3.93
CA LEU B 363 2.83 10.21 4.29
C LEU B 363 3.92 10.73 3.36
N GLY B 364 4.61 9.84 2.64
CA GLY B 364 5.63 10.25 1.71
C GLY B 364 6.72 9.21 1.58
N PRO B 365 7.74 9.53 0.79
CA PRO B 365 8.85 8.58 0.60
C PRO B 365 9.65 8.39 1.87
N LEU B 366 10.30 7.23 1.95
CA LEU B 366 11.13 6.91 3.12
C LEU B 366 12.36 7.80 3.16
N SER B 367 12.77 8.14 4.38
CA SER B 367 13.94 8.99 4.61
C SER B 367 15.00 8.19 5.35
N TRP B 368 16.25 8.39 4.95
CA TRP B 368 17.37 7.68 5.57
C TRP B 368 17.58 8.07 7.02
N ASP B 369 17.08 9.23 7.44
CA ASP B 369 17.27 9.73 8.79
C ASP B 369 16.00 9.74 9.62
N LYS B 370 14.87 9.32 9.05
CA LYS B 370 13.59 9.30 9.75
C LYS B 370 12.87 7.98 9.51
N VAL B 371 13.61 6.87 9.64
CA VAL B 371 13.07 5.53 9.44
C VAL B 371 13.10 4.81 10.78
N ARG B 372 12.00 4.13 11.09
CA ARG B 372 11.89 3.38 12.35
C ARG B 372 12.59 2.03 12.18
N ILE B 373 13.76 1.90 12.80
CA ILE B 373 14.53 0.67 12.72
C ILE B 373 13.86 -0.46 13.51
N PRO B 374 13.48 -0.26 14.78
CA PRO B 374 12.80 -1.33 15.51
C PRO B 374 11.39 -1.55 14.98
N GLY B 375 10.84 -2.70 15.34
CA GLY B 375 9.48 -3.02 14.95
C GLY B 375 9.11 -4.42 15.39
N VAL B 376 7.91 -4.83 15.01
CA VAL B 376 7.43 -6.16 15.37
C VAL B 376 8.25 -7.24 14.68
N LEU B 377 8.45 -7.11 13.37
CA LEU B 377 9.17 -8.13 12.62
C LEU B 377 10.67 -8.07 12.86
N GLN B 378 11.23 -6.89 13.12
CA GLN B 378 12.64 -6.82 13.50
C GLN B 378 12.89 -7.52 14.83
N ARG B 379 12.01 -7.28 15.81
CA ARG B 379 12.12 -7.98 17.08
C ARG B 379 11.95 -9.48 16.90
N LEU B 380 10.99 -9.89 16.06
CA LEU B 380 10.79 -11.30 15.80
C LEU B 380 12.01 -11.92 15.15
N GLY B 381 12.63 -11.22 14.19
CA GLY B 381 13.81 -11.75 13.53
C GLY B 381 15.00 -11.86 14.46
N VAL B 382 15.24 -10.83 15.28
CA VAL B 382 16.35 -10.87 16.22
C VAL B 382 16.13 -11.99 17.24
N THR B 383 14.91 -12.09 17.77
CA THR B 383 14.59 -13.15 18.71
C THR B 383 14.74 -14.53 18.08
N TYR B 384 14.26 -14.69 16.85
CA TYR B 384 14.41 -15.94 16.12
C TYR B 384 15.87 -16.31 15.99
N PHE B 385 16.70 -15.38 15.52
CA PHE B 385 18.12 -15.66 15.35
C PHE B 385 18.74 -16.08 16.67
N VAL B 386 18.53 -15.28 17.72
CA VAL B 386 19.21 -15.54 18.99
C VAL B 386 18.80 -16.90 19.55
N VAL B 387 17.50 -17.14 19.70
CA VAL B 387 17.05 -18.35 20.38
C VAL B 387 17.25 -19.57 19.49
N ALA B 388 17.06 -19.45 18.17
CA ALA B 388 17.25 -20.59 17.29
C ALA B 388 18.73 -20.98 17.22
N VAL B 389 19.64 -20.00 17.17
CA VAL B 389 21.06 -20.33 17.16
C VAL B 389 21.47 -20.92 18.50
N LEU B 390 20.92 -20.41 19.60
CA LEU B 390 21.21 -20.97 20.91
C LEU B 390 20.76 -22.43 20.99
N GLU B 391 19.55 -22.71 20.52
CA GLU B 391 19.03 -24.07 20.58
C GLU B 391 19.75 -25.00 19.62
N LEU B 392 20.15 -24.49 18.44
CA LEU B 392 20.90 -25.30 17.49
C LEU B 392 22.27 -25.63 18.02
N LEU B 393 22.94 -24.67 18.67
CA LEU B 393 24.24 -24.94 19.27
C LEU B 393 24.10 -25.96 20.40
N PHE B 394 23.12 -25.76 21.28
CA PHE B 394 22.82 -26.74 22.33
C PHE B 394 21.66 -27.64 21.92
N ALA B 395 21.90 -28.42 20.87
CA ALA B 395 20.87 -29.30 20.31
C ALA B 395 21.17 -30.74 20.70
N LYS B 396 20.17 -31.42 21.27
CA LYS B 396 20.29 -32.79 21.70
C LYS B 396 19.12 -33.60 21.14
N PRO B 397 19.33 -34.89 20.88
CA PRO B 397 18.23 -35.72 20.38
C PRO B 397 17.10 -35.84 21.39
N VAL B 398 15.88 -35.96 20.87
CA VAL B 398 14.69 -36.06 21.71
C VAL B 398 14.50 -37.52 22.13
N PRO B 399 14.57 -37.82 23.43
CA PRO B 399 14.35 -39.20 23.86
C PRO B 399 12.89 -39.62 23.72
N GLU B 400 12.70 -40.93 23.64
CA GLU B 400 11.36 -41.53 23.58
C GLU B 400 10.96 -41.96 24.99
N HIS B 401 9.85 -41.42 25.48
CA HIS B 401 9.43 -41.70 26.85
C HIS B 401 9.01 -43.16 27.00
N CYS B 402 9.38 -43.76 28.13
CA CYS B 402 9.07 -45.16 28.40
C CYS B 402 7.77 -45.29 29.20
N ALA B 403 7.70 -44.67 30.37
CA ALA B 403 6.52 -44.75 31.19
C ALA B 403 5.39 -43.89 30.62
N SER B 404 4.18 -44.15 31.10
CA SER B 404 3.00 -43.42 30.66
C SER B 404 2.22 -42.95 31.88
N GLU B 405 1.75 -41.69 31.84
CA GLU B 405 0.97 -41.10 32.92
C GLU B 405 1.70 -41.18 34.26
N ARG B 406 3.01 -40.95 34.23
CA ARG B 406 3.85 -41.07 35.42
C ARG B 406 5.09 -40.20 35.22
N SER B 407 6.10 -40.42 36.06
CA SER B 407 7.37 -39.69 35.99
C SER B 407 7.16 -38.20 36.22
N CYS B 408 6.57 -37.89 37.37
CA CYS B 408 6.37 -36.49 37.75
C CYS B 408 7.70 -35.77 37.96
N LEU B 409 8.68 -36.46 38.54
CA LEU B 409 9.98 -35.88 38.79
C LEU B 409 10.88 -35.87 37.56
N SER B 410 10.44 -36.45 36.45
CA SER B 410 11.25 -36.49 35.23
C SER B 410 11.27 -35.11 34.61
N LEU B 411 12.38 -34.40 34.78
CA LEU B 411 12.58 -33.06 34.24
C LEU B 411 13.60 -33.06 33.11
N ARG B 412 13.54 -34.08 32.25
CA ARG B 412 14.51 -34.20 31.17
C ARG B 412 14.45 -33.00 30.23
N ASP B 413 13.24 -32.56 29.88
CA ASP B 413 13.10 -31.41 29.00
C ASP B 413 13.62 -30.12 29.62
N ILE B 414 13.87 -30.09 30.93
CA ILE B 414 14.40 -28.93 31.62
C ILE B 414 15.88 -29.09 31.90
N THR B 415 16.29 -30.24 32.47
CA THR B 415 17.69 -30.44 32.81
C THR B 415 18.56 -30.63 31.58
N SER B 416 18.03 -31.25 30.52
CA SER B 416 18.80 -31.43 29.29
C SER B 416 19.08 -30.13 28.56
N SER B 417 18.39 -29.04 28.92
CA SER B 417 18.60 -27.74 28.34
C SER B 417 19.12 -26.76 29.39
N TRP B 418 20.05 -27.22 30.22
CA TRP B 418 20.60 -26.39 31.28
C TRP B 418 21.51 -25.27 30.76
N PRO B 419 22.27 -25.44 29.66
CA PRO B 419 23.01 -24.27 29.15
C PRO B 419 22.09 -23.17 28.64
N GLN B 420 21.04 -23.55 27.91
CA GLN B 420 20.07 -22.56 27.45
C GLN B 420 19.40 -21.86 28.62
N TRP B 421 19.02 -22.61 29.66
CA TRP B 421 18.39 -22.01 30.82
C TRP B 421 19.34 -21.07 31.55
N LEU B 422 20.61 -21.48 31.67
CA LEU B 422 21.60 -20.61 32.34
C LEU B 422 21.78 -19.31 31.56
N LEU B 423 21.89 -19.40 30.24
CA LEU B 423 22.07 -18.18 29.45
C LEU B 423 20.82 -17.32 29.45
N ILE B 424 19.63 -17.93 29.48
CA ILE B 424 18.39 -17.16 29.54
C ILE B 424 18.27 -16.45 30.88
N LEU B 425 18.65 -17.13 31.97
CA LEU B 425 18.64 -16.48 33.28
C LEU B 425 19.66 -15.36 33.36
N VAL B 426 20.82 -15.55 32.74
CA VAL B 426 21.82 -14.48 32.69
C VAL B 426 21.27 -13.28 31.91
N LEU B 427 20.61 -13.54 30.78
CA LEU B 427 20.02 -12.46 30.01
C LEU B 427 18.94 -11.73 30.80
N GLU B 428 18.10 -12.47 31.52
CA GLU B 428 17.05 -11.84 32.31
C GLU B 428 17.64 -11.02 33.45
N GLY B 429 18.71 -11.51 34.08
CA GLY B 429 19.40 -10.72 35.08
C GLY B 429 20.01 -9.46 34.49
N LEU B 430 20.53 -9.56 33.26
CA LEU B 430 21.04 -8.38 32.57
C LEU B 430 19.94 -7.37 32.32
N TRP B 431 18.76 -7.83 31.89
CA TRP B 431 17.63 -6.93 31.69
C TRP B 431 17.21 -6.26 32.99
N LEU B 432 17.13 -7.03 34.08
CA LEU B 432 16.75 -6.46 35.37
C LEU B 432 17.78 -5.44 35.84
N GLY B 433 19.06 -5.74 35.67
CA GLY B 433 20.09 -4.80 36.06
C GLY B 433 20.05 -3.52 35.25
N LEU B 434 19.94 -3.66 33.92
CA LEU B 434 19.87 -2.49 33.05
C LEU B 434 18.59 -1.69 33.26
N THR B 435 17.54 -2.31 33.81
CA THR B 435 16.30 -1.59 34.06
C THR B 435 16.31 -0.88 35.41
N PHE B 436 16.72 -1.58 36.47
CA PHE B 436 16.64 -1.05 37.82
C PHE B 436 17.93 -0.40 38.31
N LEU B 437 18.98 -0.38 37.50
CA LEU B 437 20.28 0.12 37.97
C LEU B 437 20.97 1.07 36.99
N LEU B 438 20.61 1.08 35.72
CA LEU B 438 21.32 1.90 34.75
C LEU B 438 21.10 3.38 35.04
N PRO B 439 22.17 4.16 35.23
CA PRO B 439 21.97 5.59 35.51
C PRO B 439 21.56 6.37 34.27
N VAL B 440 20.29 6.78 34.22
CA VAL B 440 19.76 7.55 33.09
C VAL B 440 20.00 9.03 33.38
N PRO B 441 20.59 9.78 32.45
CA PRO B 441 20.85 11.20 32.69
C PRO B 441 19.54 11.97 32.87
N GLY B 442 19.46 12.69 33.99
CA GLY B 442 18.27 13.45 34.29
C GLY B 442 17.03 12.61 34.45
N CYS B 443 17.15 11.45 35.12
CA CYS B 443 16.03 10.53 35.27
C CYS B 443 16.33 9.61 36.43
N PRO B 444 15.34 9.28 37.26
CA PRO B 444 15.60 8.36 38.38
C PRO B 444 16.01 6.99 37.88
N THR B 445 16.93 6.37 38.63
CA THR B 445 17.33 5.00 38.32
C THR B 445 16.19 4.03 38.62
N GLY B 446 16.03 3.03 37.76
CA GLY B 446 14.96 2.09 37.94
C GLY B 446 13.58 2.62 37.61
N TYR B 447 13.50 3.58 36.70
CA TYR B 447 12.22 4.17 36.33
C TYR B 447 11.42 3.20 35.46
N LEU B 448 10.16 3.00 35.82
CA LEU B 448 9.23 2.17 35.05
C LEU B 448 7.97 2.93 34.67
N GLY B 449 7.99 4.25 34.76
CA GLY B 449 6.83 5.06 34.52
C GLY B 449 6.72 5.52 33.08
N PRO B 450 5.60 6.17 32.74
CA PRO B 450 5.38 6.62 31.36
C PRO B 450 5.88 8.02 31.05
N GLY B 451 6.23 8.82 32.05
CA GLY B 451 6.63 10.17 31.77
C GLY B 451 5.44 11.06 31.42
N GLY B 452 5.74 12.15 30.73
CA GLY B 452 4.70 13.11 30.41
C GLY B 452 4.08 13.67 31.66
N ILE B 453 2.75 13.58 31.76
CA ILE B 453 2.04 13.94 32.98
C ILE B 453 1.94 12.78 33.95
N GLY B 454 2.42 11.60 33.58
CA GLY B 454 2.43 10.48 34.50
C GLY B 454 3.45 10.66 35.59
N ASP B 455 3.24 9.92 36.69
CA ASP B 455 4.07 10.04 37.89
C ASP B 455 4.14 11.49 38.36
N PHE B 456 2.99 12.16 38.37
CA PHE B 456 2.81 13.54 38.79
C PHE B 456 3.55 14.54 37.89
N GLY B 457 4.02 14.10 36.73
CA GLY B 457 4.61 15.01 35.77
C GLY B 457 6.00 15.52 36.10
N LYS B 458 6.67 14.94 37.10
CA LYS B 458 8.00 15.40 37.47
C LYS B 458 9.10 14.83 36.58
N TYR B 459 8.78 13.87 35.72
CA TYR B 459 9.72 13.32 34.75
C TYR B 459 9.05 13.32 33.38
N PRO B 460 8.85 14.51 32.79
CA PRO B 460 8.09 14.58 31.53
C PRO B 460 8.74 13.85 30.37
N ASN B 461 10.07 13.79 30.32
CA ASN B 461 10.79 13.18 29.21
C ASN B 461 11.50 11.90 29.62
N CYS B 462 10.86 11.09 30.47
CA CYS B 462 11.45 9.87 30.99
C CYS B 462 10.65 8.63 30.57
N THR B 463 9.98 8.69 29.43
CA THR B 463 9.18 7.56 28.96
C THR B 463 10.04 6.34 28.72
N GLY B 464 9.88 5.31 29.55
CA GLY B 464 10.63 4.08 29.45
C GLY B 464 11.80 3.98 30.40
N GLY B 465 12.27 5.10 30.94
CA GLY B 465 13.42 5.07 31.83
C GLY B 465 14.65 4.59 31.08
N ALA B 466 15.30 3.56 31.62
CA ALA B 466 16.51 3.04 31.00
C ALA B 466 16.22 2.28 29.72
N ALA B 467 15.07 1.60 29.65
CA ALA B 467 14.72 0.88 28.43
C ALA B 467 14.59 1.82 27.24
N GLY B 468 13.97 2.97 27.44
CA GLY B 468 13.89 3.96 26.38
C GLY B 468 15.17 4.75 26.21
N TYR B 469 15.94 4.93 27.28
CA TYR B 469 17.21 5.64 27.17
C TYR B 469 18.19 4.86 26.30
N ILE B 470 18.22 3.53 26.44
CA ILE B 470 19.10 2.71 25.61
C ILE B 470 18.75 2.88 24.14
N ASP B 471 17.45 2.86 23.82
CA ASP B 471 17.03 3.06 22.44
C ASP B 471 17.42 4.45 21.93
N ARG B 472 17.12 5.49 22.71
CA ARG B 472 17.42 6.85 22.30
C ARG B 472 18.92 7.12 22.23
N LEU B 473 19.73 6.29 22.88
CA LEU B 473 21.18 6.44 22.83
C LEU B 473 21.82 5.66 21.69
N LEU B 474 21.31 4.46 21.40
CA LEU B 474 21.91 3.62 20.39
C LEU B 474 21.30 3.84 19.01
N LEU B 475 19.98 3.74 18.90
CA LEU B 475 19.30 3.90 17.61
C LEU B 475 18.94 5.32 17.28
N GLY B 476 19.10 6.26 18.21
CA GLY B 476 18.73 7.63 17.97
C GLY B 476 17.25 7.88 18.17
N ASP B 477 16.90 9.11 18.54
CA ASP B 477 15.50 9.44 18.79
C ASP B 477 14.67 9.42 17.51
N ASP B 478 15.30 9.74 16.38
CA ASP B 478 14.55 9.80 15.12
C ASP B 478 14.12 8.43 14.63
N HIS B 479 14.87 7.39 14.99
CA HIS B 479 14.63 6.03 14.50
C HIS B 479 13.81 5.20 15.48
N LEU B 480 12.90 5.81 16.23
CA LEU B 480 12.04 5.12 17.17
C LEU B 480 10.58 5.35 16.78
N TYR B 481 9.68 4.86 17.64
CA TYR B 481 8.24 5.00 17.42
C TYR B 481 7.82 6.37 17.95
N GLN B 482 7.48 7.28 17.04
CA GLN B 482 7.13 8.64 17.42
C GLN B 482 5.75 8.75 18.06
N HIS B 483 4.95 7.67 18.03
CA HIS B 483 3.61 7.68 18.59
C HIS B 483 3.44 6.48 19.53
N PRO B 484 4.03 6.56 20.73
CA PRO B 484 3.87 5.46 21.69
C PRO B 484 2.45 5.38 22.21
N SER B 485 2.14 4.26 22.84
CA SER B 485 0.80 4.03 23.36
C SER B 485 0.44 4.99 24.48
N SER B 486 1.42 5.54 25.19
CA SER B 486 1.17 6.46 26.30
C SER B 486 0.99 7.90 25.85
N ALA B 487 1.18 8.20 24.56
CA ALA B 487 1.07 9.58 24.08
C ALA B 487 -0.34 10.13 24.20
N VAL B 488 -1.36 9.27 24.20
CA VAL B 488 -2.74 9.75 24.22
C VAL B 488 -3.27 9.95 25.63
N LEU B 489 -2.69 9.29 26.64
CA LEU B 489 -3.15 9.40 28.02
C LEU B 489 -2.20 10.20 28.89
N TYR B 490 -0.89 9.94 28.82
CA TYR B 490 0.08 10.66 29.62
C TYR B 490 0.71 11.83 28.87
N HIS B 491 0.31 12.05 27.61
CA HIS B 491 0.78 13.19 26.81
C HIS B 491 2.30 13.26 26.75
N THR B 492 2.94 12.10 26.55
CA THR B 492 4.39 12.06 26.43
C THR B 492 4.83 12.69 25.12
N GLU B 493 5.94 13.43 25.17
CA GLU B 493 6.46 14.14 24.01
C GLU B 493 7.65 13.45 23.36
N VAL B 494 8.30 12.52 24.05
CA VAL B 494 9.44 11.81 23.49
C VAL B 494 8.94 10.63 22.67
N ALA B 495 9.82 10.10 21.82
CA ALA B 495 9.52 8.94 21.00
C ALA B 495 10.04 7.69 21.70
N TYR B 496 9.14 6.75 21.99
CA TYR B 496 9.48 5.49 22.62
C TYR B 496 9.03 4.35 21.72
N ASP B 497 9.92 3.39 21.47
CA ASP B 497 9.60 2.24 20.65
C ASP B 497 9.30 1.05 21.54
N PRO B 498 8.08 0.51 21.52
CA PRO B 498 7.79 -0.68 22.33
C PRO B 498 8.68 -1.86 22.01
N GLU B 499 9.04 -2.03 20.74
CA GLU B 499 9.94 -3.10 20.31
C GLU B 499 11.40 -2.66 20.32
N GLY B 500 11.85 -2.15 21.47
CA GLY B 500 13.17 -1.58 21.58
C GLY B 500 14.27 -2.62 21.75
N ILE B 501 15.43 -2.13 22.18
CA ILE B 501 16.60 -2.99 22.32
C ILE B 501 16.54 -3.77 23.63
N LEU B 502 16.24 -3.09 24.73
CA LEU B 502 16.25 -3.76 26.03
C LEU B 502 15.14 -4.80 26.13
N GLY B 503 13.97 -4.50 25.56
CA GLY B 503 12.87 -5.46 25.59
C GLY B 503 13.12 -6.71 24.77
N THR B 504 14.12 -6.67 23.89
CA THR B 504 14.46 -7.87 23.11
C THR B 504 14.93 -8.99 24.02
N ILE B 505 15.49 -8.65 25.19
CA ILE B 505 15.91 -9.68 26.13
C ILE B 505 14.72 -10.48 26.61
N ASN B 506 13.64 -9.79 26.99
CA ASN B 506 12.44 -10.49 27.44
C ASN B 506 11.71 -11.13 26.27
N SER B 507 11.85 -10.57 25.07
CA SER B 507 11.33 -11.26 23.89
C SER B 507 12.03 -12.61 23.70
N ILE B 508 13.35 -12.63 23.88
CA ILE B 508 14.12 -13.87 23.79
C ILE B 508 13.72 -14.83 24.91
N VAL B 509 13.47 -14.29 26.11
CA VAL B 509 13.07 -15.13 27.23
C VAL B 509 11.72 -15.80 26.94
N MET B 510 10.77 -15.04 26.38
CA MET B 510 9.47 -15.62 26.08
C MET B 510 9.53 -16.58 24.91
N ALA B 511 10.38 -16.29 23.92
CA ALA B 511 10.60 -17.25 22.84
C ALA B 511 11.18 -18.55 23.37
N PHE B 512 12.08 -18.45 24.35
CA PHE B 512 12.61 -19.68 24.95
C PHE B 512 11.58 -20.38 25.82
N LEU B 513 10.65 -19.64 26.41
CA LEU B 513 9.54 -20.29 27.11
C LEU B 513 8.66 -21.05 26.12
N GLY B 514 8.44 -20.49 24.93
CA GLY B 514 7.77 -21.23 23.88
C GLY B 514 8.56 -22.45 23.45
N VAL B 515 9.89 -22.33 23.38
CA VAL B 515 10.74 -23.48 23.09
C VAL B 515 10.59 -24.55 24.16
N GLN B 516 10.46 -24.12 25.42
CA GLN B 516 10.23 -25.06 26.51
C GLN B 516 8.88 -25.75 26.36
N ALA B 517 7.86 -25.01 25.91
CA ALA B 517 6.56 -25.64 25.63
C ALA B 517 6.68 -26.68 24.52
N GLY B 518 7.45 -26.36 23.48
CA GLY B 518 7.68 -27.32 22.41
C GLY B 518 8.43 -28.54 22.91
N LYS B 519 9.41 -28.33 23.79
CA LYS B 519 10.13 -29.45 24.40
C LYS B 519 9.18 -30.33 25.20
N ILE B 520 8.28 -29.71 25.96
CA ILE B 520 7.29 -30.46 26.72
C ILE B 520 6.42 -31.28 25.78
N LEU B 521 5.97 -30.66 24.69
CA LEU B 521 4.96 -31.28 23.85
C LEU B 521 5.54 -32.35 22.94
N LEU B 522 6.85 -32.30 22.66
CA LEU B 522 7.44 -33.30 21.79
C LEU B 522 8.29 -34.33 22.50
N TYR B 523 8.86 -34.00 23.66
CA TYR B 523 9.53 -35.01 24.47
C TYR B 523 8.54 -36.08 24.92
N TYR B 524 7.43 -35.65 25.51
CA TYR B 524 6.38 -36.55 25.97
C TYR B 524 5.27 -36.70 24.93
N LYS B 525 5.63 -37.01 23.69
CA LYS B 525 4.61 -37.13 22.65
C LYS B 525 3.79 -38.41 22.82
N ALA B 526 4.35 -39.42 23.46
CA ALA B 526 3.65 -40.69 23.63
C ALA B 526 2.51 -40.55 24.64
N ARG B 527 2.77 -39.90 25.77
CA ARG B 527 1.80 -39.78 26.85
C ARG B 527 1.22 -38.37 26.86
N THR B 528 -0.11 -38.28 26.77
CA THR B 528 -0.78 -36.99 26.82
C THR B 528 -0.85 -36.44 28.24
N LYS B 529 -1.00 -37.32 29.22
CA LYS B 529 -1.09 -36.87 30.61
C LYS B 529 0.18 -36.16 31.05
N ASP B 530 1.34 -36.66 30.61
CA ASP B 530 2.59 -35.99 30.91
C ASP B 530 2.61 -34.58 30.32
N ILE B 531 2.17 -34.42 29.08
CA ILE B 531 2.14 -33.12 28.44
C ILE B 531 1.25 -32.17 29.21
N LEU B 532 0.06 -32.65 29.59
CA LEU B 532 -0.88 -31.79 30.32
C LEU B 532 -0.34 -31.42 31.70
N ILE B 533 0.31 -32.36 32.38
CA ILE B 533 0.86 -32.06 33.70
C ILE B 533 1.97 -31.03 33.59
N ARG B 534 2.86 -31.18 32.61
CA ARG B 534 3.92 -30.18 32.43
C ARG B 534 3.34 -28.82 32.07
N PHE B 535 2.33 -28.79 31.20
CA PHE B 535 1.72 -27.53 30.81
C PHE B 535 1.08 -26.83 32.01
N THR B 536 0.33 -27.57 32.82
CA THR B 536 -0.32 -26.94 33.95
C THR B 536 0.68 -26.54 35.03
N ALA B 537 1.75 -27.33 35.22
CA ALA B 537 2.78 -26.94 36.18
C ALA B 537 3.48 -25.66 35.75
N TRP B 538 3.83 -25.55 34.46
CA TRP B 538 4.48 -24.34 33.97
C TRP B 538 3.53 -23.15 34.03
N CYS B 539 2.26 -23.34 33.69
CA CYS B 539 1.30 -22.26 33.78
C CYS B 539 1.16 -21.77 35.22
N CYS B 540 1.08 -22.70 36.18
CA CYS B 540 0.98 -22.32 37.58
C CYS B 540 2.23 -21.59 38.06
N ILE B 541 3.41 -22.08 37.65
CA ILE B 541 4.65 -21.45 38.09
C ILE B 541 4.75 -20.02 37.55
N LEU B 542 4.46 -19.84 36.26
CA LEU B 542 4.52 -18.51 35.68
C LEU B 542 3.44 -17.60 36.25
N GLY B 543 2.26 -18.13 36.55
CA GLY B 543 1.24 -17.33 37.19
C GLY B 543 1.63 -16.88 38.59
N LEU B 544 2.26 -17.78 39.35
CA LEU B 544 2.76 -17.40 40.67
C LEU B 544 3.83 -16.33 40.56
N ILE B 545 4.73 -16.47 39.59
CA ILE B 545 5.77 -15.46 39.38
C ILE B 545 5.15 -14.12 39.04
N SER B 546 4.15 -14.11 38.15
CA SER B 546 3.48 -12.88 37.77
C SER B 546 2.74 -12.25 38.95
N VAL B 547 2.09 -13.08 39.77
CA VAL B 547 1.42 -12.55 40.96
C VAL B 547 2.42 -11.93 41.92
N ALA B 548 3.57 -12.59 42.11
CA ALA B 548 4.59 -12.03 42.98
C ALA B 548 5.13 -10.70 42.44
N LEU B 549 5.36 -10.63 41.13
CA LEU B 549 5.96 -9.42 40.57
C LEU B 549 4.97 -8.27 40.53
N THR B 550 3.73 -8.52 40.11
CA THR B 550 2.75 -7.45 39.92
C THR B 550 1.88 -7.19 41.14
N LYS B 551 1.84 -8.12 42.09
CA LYS B 551 0.93 -8.04 43.23
C LYS B 551 -0.52 -7.90 42.75
N VAL B 552 -0.87 -8.71 41.75
CA VAL B 552 -2.14 -8.69 41.01
C VAL B 552 -2.71 -7.28 40.91
N SER B 553 -1.86 -6.31 40.59
CA SER B 553 -2.28 -4.92 40.45
C SER B 553 -1.82 -4.39 39.10
N GLU B 554 -2.56 -3.40 38.59
CA GLU B 554 -2.26 -2.85 37.27
C GLU B 554 -1.00 -2.01 37.31
N ASN B 555 -0.99 -0.95 38.12
CA ASN B 555 0.10 0.01 38.14
C ASN B 555 1.07 -0.20 39.30
N GLU B 556 0.83 -1.18 40.16
CA GLU B 556 1.67 -1.42 41.32
C GLU B 556 2.46 -2.72 41.14
N GLY B 557 3.19 -3.09 42.19
CA GLY B 557 4.06 -4.26 42.15
C GLY B 557 5.48 -3.92 41.78
N PHE B 558 6.37 -4.89 41.98
CA PHE B 558 7.78 -4.69 41.68
C PHE B 558 7.99 -4.43 40.20
N ILE B 559 7.46 -5.30 39.35
CA ILE B 559 7.53 -5.13 37.90
C ILE B 559 6.11 -5.23 37.34
N PRO B 560 5.39 -4.13 37.21
CA PRO B 560 4.03 -4.21 36.67
C PRO B 560 4.01 -4.66 35.22
N VAL B 561 2.87 -5.24 34.83
CA VAL B 561 2.71 -5.69 33.45
C VAL B 561 2.81 -4.50 32.51
N ASN B 562 3.61 -4.64 31.46
CA ASN B 562 3.87 -3.53 30.55
C ASN B 562 4.32 -4.08 29.21
N LYS B 563 3.55 -3.81 28.16
CA LYS B 563 3.97 -4.19 26.81
C LYS B 563 5.05 -3.26 26.27
N ASN B 564 4.97 -1.97 26.61
CA ASN B 564 5.95 -1.01 26.10
C ASN B 564 7.35 -1.34 26.59
N LEU B 565 7.49 -1.68 27.86
CA LEU B 565 8.77 -2.09 28.41
C LEU B 565 9.06 -3.57 28.19
N TRP B 566 8.07 -4.35 27.76
CA TRP B 566 8.18 -5.81 27.69
C TRP B 566 8.70 -6.38 29.01
N SER B 567 8.02 -5.99 30.09
CA SER B 567 8.48 -6.31 31.43
C SER B 567 8.60 -7.82 31.63
N LEU B 568 9.37 -8.19 32.66
CA LEU B 568 9.51 -9.59 33.00
C LEU B 568 8.17 -10.18 33.42
N SER B 569 7.39 -9.45 34.21
CA SER B 569 6.07 -9.93 34.61
C SER B 569 5.11 -9.99 33.42
N TYR B 570 5.27 -9.07 32.46
CA TYR B 570 4.50 -9.17 31.22
C TYR B 570 4.78 -10.50 30.53
N VAL B 571 6.05 -10.86 30.41
CA VAL B 571 6.44 -12.11 29.77
C VAL B 571 5.89 -13.30 30.54
N THR B 572 6.01 -13.28 31.87
CA THR B 572 5.54 -14.42 32.66
C THR B 572 4.02 -14.55 32.60
N THR B 573 3.29 -13.44 32.66
CA THR B 573 1.84 -13.49 32.59
C THR B 573 1.38 -14.01 31.23
N LEU B 574 1.96 -13.49 30.16
CA LEU B 574 1.54 -13.93 28.83
C LEU B 574 1.99 -15.36 28.55
N SER B 575 3.11 -15.79 29.13
CA SER B 575 3.53 -17.19 28.98
C SER B 575 2.62 -18.12 29.75
N SER B 576 2.15 -17.72 30.93
CA SER B 576 1.18 -18.52 31.65
C SER B 576 -0.13 -18.60 30.88
N PHE B 577 -0.56 -17.48 30.29
CA PHE B 577 -1.75 -17.50 29.46
C PHE B 577 -1.58 -18.44 28.27
N ALA B 578 -0.42 -18.40 27.62
CA ALA B 578 -0.17 -19.26 26.47
C ALA B 578 -0.10 -20.73 26.88
N PHE B 579 0.48 -21.00 28.05
CA PHE B 579 0.53 -22.38 28.53
C PHE B 579 -0.86 -22.90 28.85
N PHE B 580 -1.72 -22.07 29.44
CA PHE B 580 -3.10 -22.48 29.67
C PHE B 580 -3.83 -22.70 28.35
N ILE B 581 -3.58 -21.83 27.36
CA ILE B 581 -4.22 -21.98 26.06
C ILE B 581 -3.79 -23.29 25.41
N LEU B 582 -2.50 -23.61 25.48
CA LEU B 582 -2.03 -24.89 24.96
C LEU B 582 -2.59 -26.06 25.75
N LEU B 583 -2.76 -25.90 27.06
CA LEU B 583 -3.34 -26.96 27.89
C LEU B 583 -4.78 -27.25 27.47
N VAL B 584 -5.54 -26.21 27.12
CA VAL B 584 -6.92 -26.41 26.69
C VAL B 584 -7.04 -26.68 25.20
N LEU B 585 -5.97 -26.50 24.43
CA LEU B 585 -5.99 -26.74 22.99
C LEU B 585 -5.39 -28.07 22.58
N TYR B 586 -4.54 -28.67 23.42
CA TYR B 586 -3.91 -29.94 23.03
C TYR B 586 -4.90 -31.10 23.06
N PRO B 587 -5.55 -31.42 24.18
CA PRO B 587 -6.52 -32.53 24.12
C PRO B 587 -7.69 -32.26 23.19
N VAL B 588 -8.14 -31.02 23.11
CA VAL B 588 -9.32 -30.69 22.31
C VAL B 588 -9.04 -30.91 20.83
N VAL B 589 -7.90 -30.41 20.35
CA VAL B 589 -7.62 -30.42 18.91
C VAL B 589 -6.79 -31.64 18.52
N ASP B 590 -5.67 -31.87 19.20
CA ASP B 590 -4.73 -32.91 18.78
C ASP B 590 -5.16 -34.29 19.26
N VAL B 591 -5.27 -34.48 20.57
CA VAL B 591 -5.41 -35.82 21.13
C VAL B 591 -6.82 -36.35 20.91
N LYS B 592 -7.81 -35.71 21.55
CA LYS B 592 -9.19 -36.18 21.40
C LYS B 592 -9.77 -35.82 20.04
N GLY B 593 -9.32 -34.72 19.45
CA GLY B 593 -9.87 -34.27 18.18
C GLY B 593 -11.32 -33.86 18.27
N LEU B 594 -11.73 -33.26 19.39
CA LEU B 594 -13.09 -32.78 19.52
C LEU B 594 -13.38 -31.62 18.60
N TRP B 595 -12.37 -30.81 18.28
CA TRP B 595 -12.56 -29.61 17.48
C TRP B 595 -11.26 -29.32 16.75
N THR B 596 -11.16 -29.75 15.50
CA THR B 596 -10.08 -29.31 14.62
C THR B 596 -10.30 -27.83 14.35
N GLY B 597 -9.50 -26.97 14.97
CA GLY B 597 -9.84 -25.57 15.03
C GLY B 597 -10.04 -24.93 13.68
N THR B 598 -11.30 -24.71 13.31
CA THR B 598 -11.60 -24.38 11.92
C THR B 598 -11.21 -22.96 11.55
N PRO B 599 -11.78 -21.91 12.15
CA PRO B 599 -11.52 -20.56 11.63
C PRO B 599 -10.14 -20.04 12.01
N PHE B 600 -9.29 -20.93 12.53
CA PHE B 600 -8.01 -20.52 13.08
C PHE B 600 -6.80 -21.12 12.39
N PHE B 601 -6.82 -22.41 12.03
CA PHE B 601 -5.58 -23.04 11.59
C PHE B 601 -5.20 -22.67 10.16
N TYR B 602 -6.13 -22.15 9.34
CA TYR B 602 -5.72 -21.61 8.05
C TYR B 602 -4.79 -20.41 8.20
N PRO B 603 -5.12 -19.38 8.99
CA PRO B 603 -4.08 -18.41 9.35
C PRO B 603 -2.93 -19.04 10.11
N GLY B 604 -3.19 -20.06 10.93
CA GLY B 604 -2.10 -20.71 11.63
C GLY B 604 -1.03 -21.25 10.70
N MET B 605 -1.42 -21.59 9.48
CA MET B 605 -0.47 -22.05 8.47
C MET B 605 -0.05 -20.96 7.49
N ASN B 606 -0.80 -19.86 7.38
CA ASN B 606 -0.38 -18.77 6.50
C ASN B 606 -0.10 -17.49 7.28
N SER B 607 0.47 -17.61 8.48
CA SER B 607 0.68 -16.47 9.37
C SER B 607 1.51 -15.35 8.73
N ILE B 608 2.67 -15.70 8.16
CA ILE B 608 3.55 -14.65 7.65
C ILE B 608 2.89 -13.89 6.52
N LEU B 609 2.24 -14.62 5.60
CA LEU B 609 1.55 -13.96 4.50
C LEU B 609 0.38 -13.12 4.99
N VAL B 610 -0.35 -13.61 5.99
CA VAL B 610 -1.48 -12.85 6.53
C VAL B 610 -0.99 -11.55 7.15
N TYR B 611 0.08 -11.62 7.95
CA TYR B 611 0.60 -10.41 8.58
C TYR B 611 1.10 -9.43 7.54
N VAL B 612 1.91 -9.90 6.59
CA VAL B 612 2.47 -9.01 5.58
C VAL B 612 1.36 -8.39 4.74
N GLY B 613 0.36 -9.18 4.34
CA GLY B 613 -0.73 -8.65 3.55
C GLY B 613 -1.55 -7.62 4.31
N HIS B 614 -1.92 -7.94 5.56
CA HIS B 614 -2.77 -7.02 6.30
C HIS B 614 -2.04 -5.75 6.66
N GLU B 615 -0.70 -5.79 6.77
CA GLU B 615 0.05 -4.56 6.92
C GLU B 615 0.12 -3.78 5.61
N VAL B 616 0.36 -4.48 4.50
CA VAL B 616 0.42 -3.83 3.20
C VAL B 616 -0.95 -3.35 2.76
N PHE B 617 -1.98 -4.17 2.98
CA PHE B 617 -3.35 -3.87 2.57
C PHE B 617 -4.19 -3.37 3.75
N GLU B 618 -3.60 -2.54 4.60
CA GLU B 618 -4.32 -2.00 5.75
C GLU B 618 -5.59 -1.27 5.32
N ASN B 619 -5.49 -0.42 4.31
CA ASN B 619 -6.60 0.38 3.82
C ASN B 619 -6.89 0.00 2.38
N TYR B 620 -7.69 -1.06 2.20
CA TYR B 620 -8.18 -1.49 0.91
C TYR B 620 -9.68 -1.75 1.05
N PHE B 621 -10.37 -1.76 -0.10
CA PHE B 621 -11.84 -1.82 -0.07
C PHE B 621 -12.40 -2.99 0.73
N PRO B 622 -11.98 -4.24 0.53
CA PRO B 622 -12.53 -5.32 1.35
C PRO B 622 -12.25 -5.13 2.84
N PHE B 623 -11.13 -4.50 3.18
CA PHE B 623 -10.70 -4.39 4.56
C PHE B 623 -11.17 -3.12 5.25
N GLN B 624 -11.31 -2.03 4.51
CA GLN B 624 -11.92 -0.83 5.08
C GLN B 624 -12.51 0.01 3.96
N TRP B 625 -13.57 0.75 4.29
CA TRP B 625 -14.26 1.60 3.33
C TRP B 625 -14.69 2.88 4.04
N LYS B 626 -15.17 3.83 3.26
CA LYS B 626 -15.66 5.08 3.84
C LYS B 626 -16.93 4.81 4.64
N LEU B 627 -16.95 5.28 5.88
CA LEU B 627 -18.06 5.03 6.80
C LEU B 627 -19.04 6.19 6.77
N LYS B 628 -20.29 5.89 7.13
CA LYS B 628 -21.30 6.94 7.23
C LYS B 628 -20.91 7.96 8.29
N ASP B 629 -20.41 7.49 9.44
CA ASP B 629 -19.88 8.36 10.48
C ASP B 629 -18.69 7.66 11.12
N ASN B 630 -17.52 8.29 11.02
CA ASN B 630 -16.32 7.72 11.64
C ASN B 630 -16.37 7.78 13.15
N GLN B 631 -17.26 8.61 13.72
CA GLN B 631 -17.40 8.70 15.17
C GLN B 631 -18.53 7.76 15.65
N SER B 632 -18.37 6.49 15.34
CA SER B 632 -19.33 5.46 15.73
C SER B 632 -18.59 4.17 16.03
N HIS B 633 -18.88 3.58 17.18
CA HIS B 633 -18.25 2.31 17.55
C HIS B 633 -18.86 1.14 16.80
N LYS B 634 -20.16 1.17 16.53
CA LYS B 634 -20.81 0.05 15.87
C LYS B 634 -20.31 -0.12 14.43
N GLU B 635 -20.20 0.99 13.69
CA GLU B 635 -19.76 0.91 12.30
C GLU B 635 -18.30 0.47 12.20
N HIS B 636 -17.43 1.05 13.04
CA HIS B 636 -16.04 0.62 13.05
C HIS B 636 -15.92 -0.83 13.47
N LEU B 637 -16.71 -1.26 14.45
CA LEU B 637 -16.66 -2.63 14.90
C LEU B 637 -17.07 -3.60 13.80
N THR B 638 -18.17 -3.29 13.10
CA THR B 638 -18.61 -4.19 12.03
C THR B 638 -17.63 -4.18 10.86
N GLN B 639 -17.03 -3.03 10.56
CA GLN B 639 -16.03 -2.98 9.50
C GLN B 639 -14.81 -3.81 9.85
N ASN B 640 -14.33 -3.72 11.10
CA ASN B 640 -13.16 -4.48 11.50
C ASN B 640 -13.45 -5.98 11.56
N ILE B 641 -14.66 -6.35 12.02
CA ILE B 641 -15.03 -7.76 12.03
C ILE B 641 -15.13 -8.29 10.61
N VAL B 642 -15.69 -7.51 9.69
CA VAL B 642 -15.77 -7.93 8.29
C VAL B 642 -14.38 -8.10 7.71
N ALA B 643 -13.47 -7.17 8.01
CA ALA B 643 -12.11 -7.28 7.49
C ALA B 643 -11.39 -8.50 8.05
N THR B 644 -11.57 -8.78 9.34
CA THR B 644 -10.96 -9.97 9.94
C THR B 644 -11.53 -11.24 9.33
N ALA B 645 -12.85 -11.27 9.11
CA ALA B 645 -13.46 -12.44 8.48
C ALA B 645 -12.97 -12.62 7.06
N LEU B 646 -12.76 -11.52 6.34
CA LEU B 646 -12.25 -11.61 4.99
C LEU B 646 -10.81 -12.10 4.96
N TRP B 647 -10.00 -11.70 5.95
CA TRP B 647 -8.64 -12.23 6.03
C TRP B 647 -8.63 -13.71 6.38
N VAL B 648 -9.55 -14.14 7.25
CA VAL B 648 -9.69 -15.57 7.54
C VAL B 648 -10.11 -16.31 6.29
N LEU B 649 -11.01 -15.73 5.49
CA LEU B 649 -11.44 -16.35 4.25
C LEU B 649 -10.29 -16.45 3.25
N ILE B 650 -9.45 -15.41 3.18
CA ILE B 650 -8.29 -15.44 2.29
C ILE B 650 -7.33 -16.54 2.72
N ALA B 651 -7.08 -16.66 4.03
CA ALA B 651 -6.22 -17.72 4.52
C ALA B 651 -6.80 -19.10 4.22
N TYR B 652 -8.12 -19.25 4.38
CA TYR B 652 -8.76 -20.52 4.06
C TYR B 652 -8.65 -20.84 2.56
N ILE B 653 -8.81 -19.83 1.71
CA ILE B 653 -8.68 -20.04 0.27
C ILE B 653 -7.26 -20.48 -0.06
N LEU B 654 -6.26 -19.83 0.54
CA LEU B 654 -4.88 -20.21 0.28
C LEU B 654 -4.59 -21.62 0.79
N TYR B 655 -5.20 -22.01 1.91
CA TYR B 655 -5.07 -23.38 2.40
C TYR B 655 -5.69 -24.36 1.41
N ARG B 656 -6.86 -24.04 0.87
CA ARG B 656 -7.52 -24.93 -0.08
C ARG B 656 -6.73 -25.06 -1.37
N LYS B 657 -6.03 -23.99 -1.77
CA LYS B 657 -5.15 -24.05 -2.93
C LYS B 657 -3.76 -24.56 -2.58
N LYS B 658 -3.52 -24.92 -1.32
CA LYS B 658 -2.23 -25.45 -0.86
C LYS B 658 -1.09 -24.45 -1.07
N ILE B 659 -1.38 -23.17 -0.92
CA ILE B 659 -0.36 -22.13 -1.03
C ILE B 659 0.09 -21.74 0.38
N PHE B 660 1.34 -22.02 0.71
CA PHE B 660 1.88 -21.78 2.04
C PHE B 660 3.21 -21.04 1.91
N TRP B 661 3.17 -19.72 2.01
CA TRP B 661 4.40 -18.94 2.01
C TRP B 661 5.13 -19.12 3.34
N LYS B 662 6.43 -19.31 3.28
CA LYS B 662 7.26 -19.50 4.47
C LYS B 662 8.52 -18.66 4.34
N ILE B 663 9.25 -18.55 5.44
CA ILE B 663 10.51 -17.83 5.51
C ILE B 663 10.33 -16.37 5.11
#